data_8Y9K
#
_entry.id   8Y9K
#
_cell.length_a   82.429
_cell.length_b   83.570
_cell.length_c   184.409
_cell.angle_alpha   90.00
_cell.angle_beta   90.00
_cell.angle_gamma   90.00
#
_symmetry.space_group_name_H-M   'P 21 21 21'
#
loop_
_entity.id
_entity.type
_entity.pdbx_description
1 polymer 'Nonstructural protein 9'
2 water water
#
_entity_poly.entity_id   1
_entity_poly.type   'polypeptide(L)'
_entity_poly.pdbx_seq_one_letter_code
;AGFMEAFLLENRKPKITTLASGKTLKPATHRLNLPAYTKLIHELRTKTHAKVTISLSTESQIHMVWVKSGLVFFTPSASH
PAYVNFASSSRLTDVPALTKPTFPQSDAKLIESTPLPNDEASHVASFQLVTWKDGALSILNDLSKCAISFINQCEDTFKS
GTNLNKEMYNRCITAESRDFCNQMKFVLIGRLCYGQTTSPPPIQLYQYGVTPFISADIICEGAAYRSIDVENYAMNSNHL
VSYAPFFVPNDTKPGSRIDLLMVNHLKKFNLIFDTWYKTGGSVMVSSRP
;
_entity_poly.pdbx_strand_id   A,B,C,D
#
# COMPACT_ATOMS: atom_id res chain seq x y z
N PHE A 3 12.84 -1.56 -30.91
CA PHE A 3 12.28 -2.85 -31.37
C PHE A 3 10.90 -3.13 -30.79
N MET A 4 10.01 -2.14 -30.88
CA MET A 4 8.61 -2.39 -30.58
C MET A 4 8.04 -3.50 -31.45
N GLU A 5 8.67 -3.79 -32.57
CA GLU A 5 8.11 -4.84 -33.42
C GLU A 5 8.28 -6.23 -32.82
N ALA A 6 9.08 -6.39 -31.77
CA ALA A 6 9.14 -7.64 -31.02
C ALA A 6 7.84 -7.94 -30.28
N PHE A 7 7.00 -6.94 -30.08
CA PHE A 7 5.78 -7.06 -29.31
C PHE A 7 4.56 -7.01 -30.20
N LEU A 8 4.75 -7.22 -31.50
CA LEU A 8 3.68 -7.20 -32.49
C LEU A 8 3.63 -8.51 -33.25
N LEU A 9 2.42 -9.02 -33.42
CA LEU A 9 2.11 -10.17 -34.27
C LEU A 9 1.05 -9.73 -35.27
N GLU A 10 1.00 -10.40 -36.42
CA GLU A 10 -0.06 -10.14 -37.38
C GLU A 10 -1.42 -10.45 -36.74
N ASN A 11 -2.40 -9.58 -37.01
CA ASN A 11 -3.72 -9.72 -36.37
C ASN A 11 -4.58 -10.66 -37.23
N ARG A 12 -4.19 -11.94 -37.19
CA ARG A 12 -4.68 -12.92 -38.16
C ARG A 12 -6.19 -13.11 -38.04
N LYS A 13 -6.67 -13.54 -36.88
CA LYS A 13 -8.08 -13.86 -36.66
C LYS A 13 -8.60 -13.00 -35.53
N PRO A 14 -8.92 -11.73 -35.81
CA PRO A 14 -9.36 -10.83 -34.73
C PRO A 14 -10.53 -11.41 -33.95
N LYS A 15 -10.50 -11.22 -32.62
CA LYS A 15 -11.50 -11.82 -31.76
C LYS A 15 -12.80 -11.03 -31.73
N ILE A 16 -12.76 -9.76 -32.12
CA ILE A 16 -13.95 -8.92 -32.12
C ILE A 16 -14.00 -8.13 -33.41
N THR A 17 -15.16 -7.58 -33.69
CA THR A 17 -15.30 -6.54 -34.70
C THR A 17 -16.21 -5.47 -34.12
N THR A 18 -15.91 -4.22 -34.39
CA THR A 18 -16.64 -3.10 -33.83
C THR A 18 -17.23 -2.27 -34.95
N LEU A 19 -18.43 -1.76 -34.73
CA LEU A 19 -19.13 -0.90 -35.66
C LEU A 19 -19.47 0.40 -34.96
N ALA A 20 -19.31 1.50 -35.67
CA ALA A 20 -19.70 2.83 -35.21
C ALA A 20 -20.84 3.29 -36.11
N SER A 21 -22.04 3.41 -35.53
CA SER A 21 -23.21 3.87 -36.27
C SER A 21 -23.40 3.05 -37.53
N GLY A 22 -23.14 1.74 -37.44
CA GLY A 22 -23.38 0.84 -38.54
C GLY A 22 -22.28 0.75 -39.57
N LYS A 23 -21.18 1.46 -39.40
CA LYS A 23 -20.01 1.28 -40.26
C LYS A 23 -19.00 0.44 -39.50
N THR A 24 -18.65 -0.72 -40.06
CA THR A 24 -17.61 -1.54 -39.44
C THR A 24 -16.28 -0.80 -39.52
N LEU A 25 -15.57 -0.75 -38.40
CA LEU A 25 -14.23 -0.18 -38.39
C LEU A 25 -13.23 -1.17 -38.98
N LYS A 26 -12.26 -0.64 -39.70
CA LYS A 26 -11.19 -1.46 -40.27
C LYS A 26 -10.47 -2.21 -39.17
N PRO A 27 -10.38 -3.54 -39.22
CA PRO A 27 -9.60 -4.26 -38.20
C PRO A 27 -8.12 -3.89 -38.27
N ALA A 28 -7.47 -3.92 -37.11
CA ALA A 28 -6.05 -3.64 -37.05
C ALA A 28 -5.25 -4.70 -37.80
N THR A 29 -4.14 -4.28 -38.39
CA THR A 29 -3.30 -5.23 -39.08
C THR A 29 -2.50 -6.09 -38.12
N HIS A 30 -2.22 -5.58 -36.91
CA HIS A 30 -1.36 -6.26 -35.96
C HIS A 30 -2.01 -6.24 -34.58
N ARG A 31 -1.45 -7.06 -33.68
CA ARG A 31 -1.86 -7.14 -32.29
C ARG A 31 -0.64 -7.10 -31.40
N LEU A 32 -0.79 -6.45 -30.24
CA LEU A 32 0.26 -6.50 -29.25
C LEU A 32 0.37 -7.92 -28.72
N ASN A 33 1.60 -8.29 -28.34
CA ASN A 33 1.87 -9.63 -27.85
C ASN A 33 3.10 -9.61 -26.96
N LEU A 34 3.06 -10.41 -25.90
CA LEU A 34 4.22 -10.58 -25.04
C LEU A 34 4.93 -11.87 -25.44
N PRO A 35 6.09 -11.79 -26.11
CA PRO A 35 6.68 -13.02 -26.67
C PRO A 35 7.04 -14.05 -25.62
N ALA A 36 7.40 -13.64 -24.40
CA ALA A 36 7.71 -14.63 -23.38
C ALA A 36 6.47 -15.45 -23.02
N TYR A 37 5.28 -14.88 -23.11
CA TYR A 37 4.05 -15.64 -22.84
C TYR A 37 3.81 -16.68 -23.93
N THR A 38 3.87 -16.25 -25.20
CA THR A 38 3.72 -17.18 -26.33
C THR A 38 4.73 -18.31 -26.22
N LYS A 39 5.98 -17.95 -25.91
CA LYS A 39 7.03 -18.95 -25.76
C LYS A 39 6.76 -19.94 -24.65
N LEU A 40 6.30 -19.44 -23.50
CA LEU A 40 6.00 -20.30 -22.37
C LEU A 40 4.92 -21.31 -22.71
N ILE A 41 3.81 -20.85 -23.28
CA ILE A 41 2.70 -21.73 -23.61
C ILE A 41 3.17 -22.80 -24.57
N HIS A 42 3.92 -22.40 -25.59
CA HIS A 42 4.37 -23.38 -26.57
C HIS A 42 5.24 -24.44 -25.91
N GLU A 43 6.16 -24.01 -25.03
CA GLU A 43 7.06 -24.94 -24.38
C GLU A 43 6.31 -25.89 -23.45
N LEU A 44 5.32 -25.37 -22.72
CA LEU A 44 4.53 -26.22 -21.83
C LEU A 44 3.72 -27.24 -22.64
N ARG A 45 3.14 -26.80 -23.76
CA ARG A 45 2.36 -27.67 -24.61
C ARG A 45 3.20 -28.79 -25.22
N THR A 46 4.40 -28.47 -25.66
CA THR A 46 5.24 -29.41 -26.38
C THR A 46 6.22 -30.13 -25.46
N LYS A 47 6.16 -29.89 -24.14
CA LYS A 47 7.04 -30.57 -23.21
C LYS A 47 8.50 -30.25 -23.54
N THR A 48 8.77 -28.98 -23.83
CA THR A 48 10.12 -28.49 -24.11
C THR A 48 10.51 -27.37 -23.16
N HIS A 49 9.78 -27.21 -22.05
CA HIS A 49 10.22 -26.27 -21.04
C HIS A 49 11.43 -26.82 -20.30
N ALA A 50 12.39 -25.94 -20.01
CA ALA A 50 13.67 -26.38 -19.45
C ALA A 50 13.60 -26.74 -17.98
N LYS A 51 12.57 -26.30 -17.27
CA LYS A 51 12.50 -26.48 -15.82
C LYS A 51 11.26 -27.22 -15.36
N VAL A 52 10.15 -27.09 -16.09
CA VAL A 52 8.87 -27.58 -15.63
C VAL A 52 8.26 -28.50 -16.68
N THR A 53 7.73 -29.62 -16.22
CA THR A 53 7.04 -30.57 -17.09
C THR A 53 5.65 -30.80 -16.52
N ILE A 54 4.63 -30.50 -17.32
CA ILE A 54 3.26 -30.77 -16.92
C ILE A 54 3.05 -32.28 -16.91
N SER A 55 2.56 -32.79 -15.79
CA SER A 55 2.34 -34.22 -15.62
C SER A 55 0.88 -34.62 -15.72
N LEU A 56 -0.03 -33.64 -15.81
CA LEU A 56 -1.43 -33.95 -15.98
C LEU A 56 -1.69 -34.60 -17.33
N SER A 57 -2.77 -35.38 -17.39
CA SER A 57 -3.12 -36.04 -18.64
C SER A 57 -3.57 -35.01 -19.66
N THR A 58 -3.09 -35.16 -20.89
CA THR A 58 -3.48 -34.24 -21.95
C THR A 58 -4.73 -34.69 -22.68
N GLU A 59 -5.43 -35.71 -22.17
CA GLU A 59 -6.71 -36.07 -22.74
C GLU A 59 -7.78 -35.02 -22.48
N SER A 60 -7.52 -34.10 -21.54
CA SER A 60 -8.43 -33.02 -21.23
C SER A 60 -7.69 -31.70 -21.27
N GLN A 61 -8.44 -30.61 -21.34
CA GLN A 61 -7.82 -29.29 -21.40
C GLN A 61 -7.09 -29.00 -20.09
N ILE A 62 -5.97 -28.28 -20.20
CA ILE A 62 -5.12 -27.97 -19.07
C ILE A 62 -5.00 -26.45 -18.95
N HIS A 63 -5.19 -25.94 -17.75
CA HIS A 63 -5.08 -24.52 -17.43
C HIS A 63 -4.00 -24.34 -16.36
N MET A 64 -3.63 -23.10 -16.10
CA MET A 64 -2.71 -22.82 -15.01
C MET A 64 -3.11 -21.54 -14.29
N VAL A 65 -2.80 -21.48 -12.99
CA VAL A 65 -3.16 -20.33 -12.15
C VAL A 65 -2.05 -20.13 -11.12
N TRP A 66 -1.70 -18.87 -10.89
CA TRP A 66 -0.75 -18.54 -9.83
C TRP A 66 -1.42 -18.65 -8.47
N VAL A 67 -0.68 -19.16 -7.47
CA VAL A 67 -1.06 -19.10 -6.07
C VAL A 67 0.15 -18.58 -5.29
N LYS A 68 -0.10 -18.28 -4.00
CA LYS A 68 0.98 -17.69 -3.22
C LYS A 68 2.22 -18.59 -3.15
N SER A 69 2.06 -19.91 -3.32
CA SER A 69 3.17 -20.84 -3.22
C SER A 69 3.72 -21.27 -4.57
N GLY A 70 3.16 -20.79 -5.68
CA GLY A 70 3.74 -21.10 -6.98
C GLY A 70 2.70 -21.09 -8.10
N LEU A 71 2.80 -22.11 -8.96
CA LEU A 71 1.99 -22.23 -10.17
C LEU A 71 1.27 -23.57 -10.12
N VAL A 72 -0.04 -23.53 -10.31
CA VAL A 72 -0.87 -24.72 -10.29
C VAL A 72 -1.39 -24.99 -11.70
N PHE A 73 -1.02 -26.13 -12.25
CA PHE A 73 -1.65 -26.65 -13.45
C PHE A 73 -2.88 -27.43 -13.03
N PHE A 74 -3.96 -27.31 -13.81
CA PHE A 74 -5.18 -28.01 -13.43
C PHE A 74 -6.02 -28.32 -14.64
N THR A 75 -6.79 -29.39 -14.52
CA THR A 75 -7.78 -29.76 -15.51
C THR A 75 -9.16 -29.50 -14.95
N PRO A 76 -9.88 -28.48 -15.42
CA PRO A 76 -11.21 -28.21 -14.90
C PRO A 76 -12.20 -29.21 -15.47
N SER A 77 -13.19 -29.57 -14.65
CA SER A 77 -14.36 -30.27 -15.12
C SER A 77 -15.29 -29.29 -15.85
N ALA A 78 -16.31 -29.85 -16.51
CA ALA A 78 -17.21 -29.02 -17.31
C ALA A 78 -17.93 -27.97 -16.49
N SER A 79 -18.04 -28.16 -15.20
CA SER A 79 -18.76 -27.22 -14.34
C SER A 79 -17.87 -26.09 -13.79
N HIS A 80 -16.58 -26.14 -14.05
CA HIS A 80 -15.65 -25.14 -13.54
C HIS A 80 -15.75 -23.87 -14.38
N PRO A 81 -15.64 -22.69 -13.74
CA PRO A 81 -15.75 -21.44 -14.52
C PRO A 81 -14.67 -21.29 -15.59
N ALA A 82 -13.53 -21.96 -15.44
CA ALA A 82 -12.47 -21.84 -16.43
C ALA A 82 -12.67 -22.75 -17.63
N TYR A 83 -13.60 -23.70 -17.54
CA TYR A 83 -13.76 -24.68 -18.61
C TYR A 83 -14.17 -24.02 -19.92
N VAL A 84 -13.52 -24.40 -21.00
CA VAL A 84 -13.81 -23.88 -22.33
C VAL A 84 -14.42 -25.00 -23.15
N ASN A 85 -15.61 -24.77 -23.69
CA ASN A 85 -16.27 -25.79 -24.50
C ASN A 85 -15.76 -25.77 -25.93
N PHE A 86 -16.08 -26.83 -26.68
CA PHE A 86 -15.69 -26.91 -28.08
C PHE A 86 -16.16 -25.69 -28.85
N ALA A 87 -17.37 -25.21 -28.56
CA ALA A 87 -17.95 -24.07 -29.26
C ALA A 87 -17.51 -22.75 -28.63
N THR A 114 -25.06 -22.63 -11.81
CA THR A 114 -24.03 -23.55 -11.33
C THR A 114 -23.18 -22.89 -10.25
N PRO A 115 -23.03 -23.55 -9.11
CA PRO A 115 -22.24 -22.96 -8.02
C PRO A 115 -20.77 -22.88 -8.35
N LEU A 116 -20.14 -21.81 -7.86
CA LEU A 116 -18.70 -21.66 -8.03
C LEU A 116 -17.94 -22.71 -7.21
N PRO A 117 -16.70 -22.99 -7.58
CA PRO A 117 -15.90 -23.95 -6.80
C PRO A 117 -15.90 -23.58 -5.32
N ASN A 118 -16.04 -24.58 -4.45
CA ASN A 118 -16.09 -24.32 -3.01
C ASN A 118 -15.37 -25.46 -2.29
N ASP A 119 -15.44 -25.43 -0.95
CA ASP A 119 -14.67 -26.38 -0.16
C ASP A 119 -15.25 -27.79 -0.23
N GLU A 120 -16.42 -27.97 -0.85
CA GLU A 120 -17.01 -29.30 -1.02
C GLU A 120 -16.77 -29.86 -2.41
N ALA A 121 -16.94 -29.04 -3.44
CA ALA A 121 -16.73 -29.45 -4.83
C ALA A 121 -15.90 -28.38 -5.52
N SER A 122 -14.68 -28.74 -5.89
CA SER A 122 -13.77 -27.81 -6.56
C SER A 122 -14.02 -27.72 -8.05
N HIS A 123 -14.72 -28.70 -8.63
CA HIS A 123 -14.88 -28.79 -10.09
C HIS A 123 -13.53 -28.90 -10.78
N VAL A 124 -12.50 -29.33 -10.07
CA VAL A 124 -11.18 -29.59 -10.63
C VAL A 124 -10.95 -31.10 -10.65
N ALA A 125 -10.67 -31.62 -11.84
CA ALA A 125 -10.46 -33.06 -11.98
C ALA A 125 -9.08 -33.47 -11.46
N SER A 126 -8.06 -32.67 -11.73
CA SER A 126 -6.71 -32.98 -11.26
C SER A 126 -5.90 -31.70 -11.28
N PHE A 127 -4.82 -31.70 -10.50
CA PHE A 127 -3.98 -30.51 -10.44
C PHE A 127 -2.55 -30.93 -10.14
N GLN A 128 -1.63 -30.00 -10.40
CA GLN A 128 -0.21 -30.21 -10.20
C GLN A 128 0.35 -28.88 -9.71
N LEU A 129 0.85 -28.84 -8.48
CA LEU A 129 1.48 -27.63 -7.95
C LEU A 129 2.98 -27.67 -8.26
N VAL A 130 3.48 -26.57 -8.81
CA VAL A 130 4.91 -26.36 -9.00
C VAL A 130 5.31 -25.19 -8.10
N THR A 131 6.16 -25.46 -7.10
CA THR A 131 6.54 -24.39 -6.18
C THR A 131 7.53 -23.44 -6.86
N TRP A 132 7.72 -22.27 -6.24
CA TRP A 132 8.67 -21.30 -6.77
C TRP A 132 10.03 -21.94 -7.01
N LYS A 133 10.53 -22.67 -6.01
CA LYS A 133 11.85 -23.26 -6.08
C LYS A 133 11.95 -24.34 -7.14
N ASP A 134 10.85 -25.00 -7.49
CA ASP A 134 10.88 -26.10 -8.42
C ASP A 134 10.59 -25.66 -9.85
N GLY A 135 10.60 -24.35 -10.12
CA GLY A 135 10.47 -23.87 -11.48
C GLY A 135 9.51 -22.71 -11.66
N ALA A 136 8.58 -22.51 -10.73
CA ALA A 136 7.60 -21.45 -10.94
C ALA A 136 8.23 -20.06 -10.91
N LEU A 137 9.30 -19.88 -10.12
CA LEU A 137 9.93 -18.56 -10.06
C LEU A 137 10.67 -18.28 -11.36
N SER A 138 11.34 -19.28 -11.91
CA SER A 138 11.98 -19.13 -13.22
C SER A 138 10.96 -18.72 -14.28
N ILE A 139 9.81 -19.38 -14.29
CA ILE A 139 8.76 -19.02 -15.25
C ILE A 139 8.32 -17.57 -15.02
N LEU A 140 8.05 -17.21 -13.77
CA LEU A 140 7.58 -15.86 -13.48
C LEU A 140 8.62 -14.82 -13.87
N ASN A 141 9.89 -15.11 -13.58
CA ASN A 141 10.98 -14.20 -13.91
C ASN A 141 11.08 -13.95 -15.41
N ASP A 142 10.96 -15.01 -16.22
CA ASP A 142 11.05 -14.82 -17.67
C ASP A 142 9.90 -13.95 -18.18
N LEU A 143 8.69 -14.18 -17.65
CA LEU A 143 7.54 -13.38 -18.03
C LEU A 143 7.70 -11.94 -17.58
N SER A 144 8.14 -11.76 -16.33
CA SER A 144 8.25 -10.42 -15.77
C SER A 144 9.31 -9.60 -16.49
N LYS A 145 10.47 -10.19 -16.75
CA LYS A 145 11.52 -9.48 -17.48
C LYS A 145 10.99 -8.97 -18.82
N CYS A 146 10.21 -9.80 -19.52
CA CYS A 146 9.65 -9.40 -20.81
C CYS A 146 8.66 -8.24 -20.64
N ALA A 147 7.77 -8.34 -19.64
CA ALA A 147 6.79 -7.29 -19.42
C ALA A 147 7.46 -5.96 -19.02
N ILE A 148 8.47 -6.02 -18.16
CA ILE A 148 9.20 -4.81 -17.79
C ILE A 148 9.95 -4.25 -18.99
N SER A 149 10.48 -5.14 -19.83
CA SER A 149 11.11 -4.70 -21.07
C SER A 149 10.12 -3.97 -21.97
N PHE A 150 8.89 -4.47 -22.06
CA PHE A 150 7.87 -3.77 -22.82
C PHE A 150 7.63 -2.37 -22.26
N ILE A 151 7.45 -2.28 -20.93
CA ILE A 151 7.18 -0.99 -20.31
C ILE A 151 8.31 -0.02 -20.59
N ASN A 152 9.56 -0.48 -20.48
CA ASN A 152 10.69 0.41 -20.71
C ASN A 152 10.79 0.81 -22.18
N GLN A 153 10.58 -0.15 -23.09
CA GLN A 153 10.57 0.15 -24.51
C GLN A 153 9.52 1.18 -24.87
N CYS A 154 8.33 1.09 -24.25
CA CYS A 154 7.32 2.11 -24.55
C CYS A 154 7.83 3.50 -24.20
N GLU A 155 8.59 3.64 -23.12
CA GLU A 155 9.20 4.92 -22.80
C GLU A 155 10.21 5.34 -23.87
N ASP A 156 11.11 4.42 -24.25
CA ASP A 156 12.14 4.74 -25.23
C ASP A 156 11.50 5.15 -26.57
N THR A 157 10.43 4.45 -26.98
CA THR A 157 9.87 4.62 -28.31
C THR A 157 8.93 5.83 -28.40
N PHE A 158 8.12 6.06 -27.38
CA PHE A 158 7.07 7.06 -27.48
C PHE A 158 7.31 8.31 -26.65
N LYS A 159 8.25 8.29 -25.70
CA LYS A 159 8.41 9.41 -24.79
C LYS A 159 9.80 10.00 -24.78
N SER A 160 10.65 9.66 -25.75
CA SER A 160 12.04 10.08 -25.73
C SER A 160 12.42 10.98 -26.88
N GLY A 161 11.44 11.43 -27.68
CA GLY A 161 11.78 12.27 -28.81
C GLY A 161 12.51 11.54 -29.91
N THR A 162 12.49 10.22 -29.91
CA THR A 162 13.22 9.47 -30.91
C THR A 162 12.48 9.54 -32.24
N ASN A 163 13.22 9.72 -33.32
CA ASN A 163 12.60 9.68 -34.63
C ASN A 163 11.97 8.31 -34.81
N LEU A 164 10.77 8.28 -35.37
CA LEU A 164 10.08 7.04 -35.60
C LEU A 164 9.55 7.01 -37.03
N ASN A 165 9.49 5.80 -37.56
CA ASN A 165 8.83 5.53 -38.83
C ASN A 165 7.31 5.73 -38.65
N LYS A 166 6.71 6.53 -39.54
CA LYS A 166 5.29 6.84 -39.40
C LYS A 166 4.42 5.60 -39.49
N GLU A 167 4.73 4.72 -40.44
CA GLU A 167 3.94 3.50 -40.59
C GLU A 167 4.04 2.62 -39.35
N MET A 168 5.27 2.42 -38.85
CA MET A 168 5.46 1.62 -37.65
C MET A 168 4.74 2.23 -36.45
N TYR A 169 4.79 3.56 -36.31
CA TYR A 169 4.06 4.23 -35.24
C TYR A 169 2.58 3.89 -35.28
N ASN A 170 1.96 4.05 -36.45
CA ASN A 170 0.53 3.81 -36.55
C ASN A 170 0.19 2.34 -36.42
N ARG A 171 1.07 1.45 -36.89
CA ARG A 171 0.86 0.02 -36.66
C ARG A 171 0.80 -0.26 -35.16
N CYS A 172 1.62 0.41 -34.36
CA CYS A 172 1.61 0.15 -32.93
C CYS A 172 0.34 0.70 -32.28
N ILE A 173 0.03 1.96 -32.54
CA ILE A 173 -1.07 2.58 -31.78
C ILE A 173 -2.44 2.22 -32.30
N THR A 174 -2.54 1.53 -33.44
CA THR A 174 -3.84 0.99 -33.85
C THR A 174 -3.95 -0.51 -33.58
N ALA A 175 -2.91 -1.13 -33.02
CA ALA A 175 -2.90 -2.57 -32.85
C ALA A 175 -4.01 -3.03 -31.91
N GLU A 176 -4.52 -4.24 -32.16
CA GLU A 176 -5.41 -4.89 -31.20
C GLU A 176 -4.63 -5.25 -29.94
N SER A 177 -5.31 -5.19 -28.80
CA SER A 177 -4.62 -5.37 -27.53
C SER A 177 -5.28 -6.28 -26.52
N ARG A 178 -6.42 -6.89 -26.85
CA ARG A 178 -7.17 -7.65 -25.84
C ARG A 178 -6.37 -8.85 -25.34
N ASP A 179 -5.78 -9.61 -26.25
CA ASP A 179 -4.98 -10.76 -25.82
C ASP A 179 -3.78 -10.31 -25.00
N PHE A 180 -3.13 -9.23 -25.43
CA PHE A 180 -1.97 -8.71 -24.72
C PHE A 180 -2.34 -8.31 -23.29
N CYS A 181 -3.47 -7.61 -23.13
CA CYS A 181 -3.91 -7.25 -21.79
C CYS A 181 -4.10 -8.48 -20.91
N ASN A 182 -4.64 -9.57 -21.48
CA ASN A 182 -4.80 -10.79 -20.70
C ASN A 182 -3.45 -11.41 -20.35
N GLN A 183 -2.47 -11.35 -21.27
CA GLN A 183 -1.15 -11.86 -20.95
C GLN A 183 -0.53 -11.04 -19.82
N MET A 184 -0.67 -9.71 -19.88
CA MET A 184 -0.09 -8.85 -18.86
C MET A 184 -0.78 -9.05 -17.52
N LYS A 185 -2.10 -9.29 -17.55
CA LYS A 185 -2.81 -9.63 -16.32
C LYS A 185 -2.24 -10.87 -15.65
N PHE A 186 -1.92 -11.89 -16.45
CA PHE A 186 -1.34 -13.11 -15.89
C PHE A 186 0.02 -12.85 -15.25
N VAL A 187 0.87 -12.09 -15.94
CA VAL A 187 2.16 -11.75 -15.35
C VAL A 187 1.99 -10.97 -14.07
N LEU A 188 1.07 -10.00 -14.07
CA LEU A 188 0.82 -9.20 -12.89
C LEU A 188 0.42 -10.05 -11.70
N ILE A 189 -0.55 -10.95 -11.91
CA ILE A 189 -1.05 -11.75 -10.80
C ILE A 189 0.05 -12.68 -10.29
N GLY A 190 0.92 -13.18 -11.17
CA GLY A 190 2.06 -13.93 -10.70
C GLY A 190 3.00 -13.09 -9.86
N ARG A 191 3.25 -11.85 -10.29
CA ARG A 191 4.08 -10.95 -9.49
C ARG A 191 3.48 -10.72 -8.12
N LEU A 192 2.15 -10.57 -8.05
CA LEU A 192 1.50 -10.33 -6.76
C LEU A 192 1.54 -11.57 -5.88
N CYS A 193 1.24 -12.74 -6.45
CA CYS A 193 1.29 -13.95 -5.65
C CYS A 193 2.67 -14.18 -5.08
N TYR A 194 3.69 -13.95 -5.89
CA TYR A 194 5.05 -14.20 -5.45
C TYR A 194 5.53 -13.14 -4.46
N GLY A 195 5.32 -11.87 -4.76
CA GLY A 195 6.01 -10.84 -4.02
C GLY A 195 5.29 -9.52 -3.93
N GLN A 196 3.97 -9.56 -3.73
CA GLN A 196 3.23 -8.32 -3.55
C GLN A 196 3.92 -7.42 -2.53
N THR A 197 4.36 -7.99 -1.41
CA THR A 197 4.87 -7.15 -0.34
C THR A 197 6.35 -6.89 -0.46
N THR A 198 7.09 -7.78 -1.10
CA THR A 198 8.55 -7.69 -1.15
C THR A 198 9.08 -7.18 -2.48
N SER A 199 8.40 -7.47 -3.58
CA SER A 199 8.82 -6.99 -4.91
C SER A 199 7.59 -6.59 -5.71
N PRO A 200 6.87 -5.56 -5.26
CA PRO A 200 5.59 -5.24 -5.88
C PRO A 200 5.77 -4.87 -7.34
N PRO A 201 4.84 -5.28 -8.21
CA PRO A 201 4.92 -4.87 -9.61
C PRO A 201 4.71 -3.34 -9.72
N PRO A 202 5.25 -2.74 -10.78
CA PRO A 202 5.02 -1.29 -10.98
C PRO A 202 3.60 -1.01 -11.45
N ILE A 203 3.17 0.24 -11.22
CA ILE A 203 1.82 0.63 -11.60
C ILE A 203 1.61 0.44 -13.10
N GLN A 204 2.67 0.57 -13.90
CA GLN A 204 2.53 0.37 -15.34
C GLN A 204 2.10 -1.05 -15.69
N LEU A 205 2.31 -2.02 -14.78
CA LEU A 205 1.79 -3.37 -14.93
C LEU A 205 0.50 -3.58 -14.14
N TYR A 206 0.40 -2.98 -12.96
CA TYR A 206 -0.81 -3.13 -12.15
C TYR A 206 -2.07 -2.68 -12.90
N GLN A 207 -1.93 -1.68 -13.78
CA GLN A 207 -3.12 -1.13 -14.44
C GLN A 207 -3.86 -2.18 -15.26
N TYR A 208 -3.18 -3.20 -15.77
CA TYR A 208 -3.86 -4.22 -16.55
C TYR A 208 -4.80 -5.06 -15.70
N GLY A 209 -4.57 -5.13 -14.39
CA GLY A 209 -5.41 -5.93 -13.52
C GLY A 209 -6.69 -5.27 -13.05
N VAL A 210 -6.83 -3.96 -13.22
CA VAL A 210 -7.98 -3.22 -12.74
C VAL A 210 -8.77 -2.56 -13.86
N THR A 211 -8.45 -2.92 -15.11
CA THR A 211 -9.16 -2.48 -16.30
C THR A 211 -9.47 -3.71 -17.14
N PRO A 212 -10.69 -3.87 -17.65
CA PRO A 212 -10.94 -5.05 -18.49
C PRO A 212 -9.95 -5.14 -19.67
N PHE A 213 -9.71 -4.03 -20.35
CA PHE A 213 -8.72 -3.98 -21.41
C PHE A 213 -8.36 -2.51 -21.65
N ILE A 214 -7.16 -2.29 -22.17
CA ILE A 214 -6.65 -0.97 -22.49
C ILE A 214 -6.28 -0.98 -23.98
N SER A 215 -6.73 0.02 -24.71
CA SER A 215 -6.44 0.07 -26.14
C SER A 215 -4.95 0.35 -26.35
N ALA A 216 -4.45 -0.04 -27.52
CA ALA A 216 -3.01 0.06 -27.77
C ALA A 216 -2.51 1.51 -27.71
N ASP A 217 -3.30 2.48 -28.18
CA ASP A 217 -2.81 3.85 -28.17
C ASP A 217 -2.65 4.35 -26.75
N ILE A 218 -3.53 3.92 -25.84
CA ILE A 218 -3.40 4.29 -24.43
C ILE A 218 -2.25 3.54 -23.78
N ILE A 219 -2.09 2.25 -24.10
CA ILE A 219 -0.93 1.52 -23.57
C ILE A 219 0.36 2.22 -23.94
N CYS A 220 0.49 2.59 -25.22
CA CYS A 220 1.76 3.09 -25.74
C CYS A 220 2.07 4.50 -25.22
N GLU A 221 1.07 5.37 -25.15
CA GLU A 221 1.32 6.78 -24.87
C GLU A 221 0.53 7.35 -23.69
N GLY A 222 -0.44 6.62 -23.15
CA GLY A 222 -1.24 7.09 -22.05
C GLY A 222 -1.19 6.10 -20.90
N ALA A 223 -2.28 6.04 -20.14
CA ALA A 223 -2.35 5.13 -19.01
C ALA A 223 -3.79 5.01 -18.54
N ALA A 224 -4.09 3.93 -17.82
CA ALA A 224 -5.38 3.78 -17.16
C ALA A 224 -5.38 4.43 -15.78
N TYR A 225 -4.38 5.26 -15.47
CA TYR A 225 -4.27 5.98 -14.20
C TYR A 225 -3.76 7.38 -14.53
N ARG A 226 -3.77 8.26 -13.53
CA ARG A 226 -3.20 9.59 -13.67
C ARG A 226 -2.15 9.81 -12.58
N SER A 227 -1.58 11.01 -12.57
CA SER A 227 -0.36 11.22 -11.78
C SER A 227 -0.55 10.96 -10.30
N ILE A 228 -1.67 11.39 -9.72
CA ILE A 228 -1.87 11.18 -8.30
C ILE A 228 -1.86 9.69 -7.97
N ASP A 229 -2.32 8.85 -8.90
CA ASP A 229 -2.37 7.42 -8.65
C ASP A 229 -0.99 6.82 -8.43
N VAL A 230 0.04 7.42 -9.04
CA VAL A 230 1.39 6.90 -8.87
C VAL A 230 1.82 6.98 -7.41
N GLU A 231 1.60 8.13 -6.77
CA GLU A 231 1.94 8.25 -5.34
C GLU A 231 1.01 7.41 -4.48
N ASN A 232 -0.28 7.34 -4.81
CA ASN A 232 -1.17 6.48 -4.04
C ASN A 232 -0.66 5.05 -4.07
N TYR A 233 -0.27 4.57 -5.26
CA TYR A 233 0.12 3.18 -5.43
C TYR A 233 1.37 2.87 -4.61
N ALA A 234 2.30 3.83 -4.54
CA ALA A 234 3.50 3.64 -3.75
C ALA A 234 3.16 3.34 -2.29
N MET A 235 2.11 3.95 -1.78
CA MET A 235 1.68 3.71 -0.41
C MET A 235 0.76 2.50 -0.25
N ASN A 236 -0.09 2.24 -1.24
CA ASN A 236 -1.17 1.27 -1.12
C ASN A 236 -0.81 -0.15 -1.56
N SER A 237 0.30 -0.34 -2.23
CA SER A 237 0.50 -1.60 -2.97
C SER A 237 0.44 -2.81 -2.04
N ASN A 238 0.74 -2.65 -0.75
CA ASN A 238 0.69 -3.79 0.20
C ASN A 238 -0.75 -4.06 0.63
N HIS A 239 -1.76 -3.39 0.05
CA HIS A 239 -3.12 -3.49 0.55
C HIS A 239 -4.15 -3.63 -0.56
N LEU A 240 -3.71 -3.82 -1.79
CA LEU A 240 -4.63 -3.78 -2.92
C LEU A 240 -5.17 -5.15 -3.30
N VAL A 241 -4.67 -6.22 -2.69
CA VAL A 241 -4.96 -7.56 -3.16
C VAL A 241 -5.73 -8.32 -2.10
N SER A 242 -6.84 -8.95 -2.51
CA SER A 242 -7.57 -9.90 -1.69
C SER A 242 -7.35 -11.29 -2.26
N TYR A 243 -7.02 -12.24 -1.38
CA TYR A 243 -6.77 -13.61 -1.79
C TYR A 243 -7.89 -14.54 -1.31
N ALA A 244 -8.06 -15.65 -2.02
CA ALA A 244 -9.02 -16.67 -1.64
C ALA A 244 -8.52 -18.00 -2.16
N PRO A 245 -9.05 -19.11 -1.65
CA PRO A 245 -8.56 -20.42 -2.11
C PRO A 245 -8.84 -20.66 -3.59
N PHE A 246 -7.86 -21.27 -4.26
CA PHE A 246 -8.10 -21.96 -5.52
C PHE A 246 -8.41 -23.40 -5.12
N PHE A 247 -9.70 -23.74 -5.06
CA PHE A 247 -10.08 -25.04 -4.56
C PHE A 247 -9.64 -26.13 -5.53
N VAL A 248 -9.00 -27.17 -4.98
CA VAL A 248 -8.66 -28.37 -5.72
C VAL A 248 -9.02 -29.56 -4.85
N PRO A 249 -9.16 -30.74 -5.44
CA PRO A 249 -9.61 -31.89 -4.63
C PRO A 249 -8.56 -32.35 -3.63
N ASN A 250 -9.04 -32.79 -2.47
CA ASN A 250 -8.22 -33.56 -1.54
C ASN A 250 -8.00 -34.92 -2.19
N ASP A 251 -6.76 -35.42 -2.16
CA ASP A 251 -6.49 -36.65 -2.90
C ASP A 251 -6.89 -37.92 -2.16
N THR A 252 -6.81 -37.91 -0.82
CA THR A 252 -7.16 -39.08 -0.01
C THR A 252 -8.46 -38.93 0.76
N LYS A 253 -9.09 -37.77 0.68
CA LYS A 253 -10.19 -37.38 1.54
C LYS A 253 -11.29 -36.77 0.69
N PRO A 254 -12.52 -36.76 1.18
CA PRO A 254 -13.56 -36.01 0.47
C PRO A 254 -13.30 -34.50 0.55
N GLY A 255 -13.94 -33.75 -0.34
CA GLY A 255 -13.88 -32.30 -0.29
C GLY A 255 -12.65 -31.71 -0.95
N SER A 256 -12.48 -30.41 -0.72
CA SER A 256 -11.43 -29.65 -1.37
C SER A 256 -10.31 -29.26 -0.40
N ARG A 257 -9.10 -29.23 -0.94
CA ARG A 257 -7.96 -28.55 -0.30
C ARG A 257 -8.21 -27.05 -0.36
N ILE A 258 -7.94 -26.34 0.73
CA ILE A 258 -8.31 -24.93 0.82
C ILE A 258 -7.12 -24.01 1.07
N ASP A 259 -5.90 -24.55 1.00
CA ASP A 259 -4.72 -23.80 1.43
C ASP A 259 -3.94 -23.20 0.26
N LEU A 260 -4.33 -23.47 -0.98
CA LEU A 260 -3.70 -22.83 -2.14
C LEU A 260 -4.44 -21.52 -2.40
N LEU A 261 -3.75 -20.40 -2.23
CA LEU A 261 -4.40 -19.10 -2.25
C LEU A 261 -4.11 -18.34 -3.54
N MET A 262 -5.17 -17.93 -4.23
CA MET A 262 -5.08 -17.21 -5.48
C MET A 262 -5.58 -15.78 -5.28
N VAL A 263 -5.22 -14.91 -6.23
CA VAL A 263 -5.77 -13.56 -6.24
C VAL A 263 -7.26 -13.64 -6.54
N ASN A 264 -8.06 -13.01 -5.69
CA ASN A 264 -9.50 -12.96 -5.90
C ASN A 264 -10.01 -11.58 -6.30
N HIS A 265 -9.47 -10.52 -5.70
CA HIS A 265 -9.87 -9.17 -6.06
C HIS A 265 -8.65 -8.24 -6.10
N LEU A 266 -8.66 -7.31 -7.03
CA LEU A 266 -7.65 -6.25 -7.10
C LEU A 266 -8.35 -4.89 -6.97
N LYS A 267 -7.88 -4.05 -6.05
CA LYS A 267 -8.51 -2.76 -5.79
C LYS A 267 -8.22 -1.80 -6.93
N LYS A 268 -9.26 -1.15 -7.46
CA LYS A 268 -9.11 -0.19 -8.54
C LYS A 268 -8.49 1.10 -8.03
N PHE A 269 -8.11 1.95 -8.98
CA PHE A 269 -7.39 3.16 -8.61
C PHE A 269 -8.26 4.14 -7.82
N ASN A 270 -9.59 4.06 -7.96
CA ASN A 270 -10.44 4.91 -7.15
C ASN A 270 -10.45 4.50 -5.69
N LEU A 271 -9.93 3.31 -5.38
CA LEU A 271 -9.79 2.80 -4.04
C LEU A 271 -11.12 2.41 -3.38
N ILE A 272 -12.20 2.38 -4.15
CA ILE A 272 -13.50 1.97 -3.65
C ILE A 272 -13.88 0.58 -4.16
N PHE A 273 -13.78 0.37 -5.46
CA PHE A 273 -14.24 -0.85 -6.10
C PHE A 273 -13.07 -1.72 -6.51
N ASP A 274 -13.39 -2.98 -6.82
CA ASP A 274 -12.39 -3.99 -7.10
C ASP A 274 -12.71 -4.66 -8.44
N THR A 275 -11.67 -5.23 -9.04
CA THR A 275 -11.81 -6.16 -10.16
C THR A 275 -11.74 -7.58 -9.61
N TRP A 276 -12.71 -8.40 -9.98
CA TRP A 276 -12.85 -9.76 -9.48
C TRP A 276 -12.24 -10.77 -10.44
N TYR A 277 -11.49 -11.72 -9.88
CA TYR A 277 -10.86 -12.80 -10.64
C TYR A 277 -11.50 -14.10 -10.17
N LYS A 278 -12.51 -14.52 -10.94
CA LYS A 278 -13.29 -15.69 -10.58
C LYS A 278 -12.46 -16.95 -10.46
N THR A 279 -11.40 -17.06 -11.26
CA THR A 279 -10.51 -18.20 -11.22
C THR A 279 -9.06 -17.74 -11.03
N GLY A 280 -8.87 -16.65 -10.29
CA GLY A 280 -7.52 -16.23 -9.94
C GLY A 280 -6.65 -15.79 -11.10
N GLY A 281 -7.24 -15.38 -12.22
CA GLY A 281 -6.44 -15.03 -13.38
C GLY A 281 -5.89 -16.21 -14.12
N SER A 282 -6.55 -17.36 -14.02
CA SER A 282 -6.08 -18.56 -14.69
C SER A 282 -6.11 -18.37 -16.20
N VAL A 283 -5.23 -19.08 -16.89
CA VAL A 283 -5.16 -19.04 -18.35
C VAL A 283 -5.11 -20.47 -18.87
N MET A 284 -5.57 -20.66 -20.10
CA MET A 284 -5.56 -21.99 -20.71
C MET A 284 -4.19 -22.28 -21.29
N VAL A 285 -3.69 -23.49 -21.07
CA VAL A 285 -2.42 -23.92 -21.63
C VAL A 285 -2.64 -24.73 -22.89
N SER A 286 -3.55 -25.69 -22.83
CA SER A 286 -3.75 -26.63 -23.91
C SER A 286 -5.21 -27.02 -23.97
N SER A 287 -5.69 -27.21 -25.20
CA SER A 287 -7.09 -27.53 -25.46
C SER A 287 -7.29 -28.97 -25.95
N ALA B 1 -29.41 18.16 -13.43
CA ALA B 1 -28.51 17.07 -12.94
C ALA B 1 -27.18 17.67 -12.49
N GLY B 2 -26.61 17.11 -11.42
CA GLY B 2 -25.32 17.55 -10.91
C GLY B 2 -24.32 16.40 -10.83
N PHE B 3 -23.11 16.76 -10.40
CA PHE B 3 -21.99 15.83 -10.26
C PHE B 3 -21.77 15.14 -11.62
N MET B 4 -21.41 13.86 -11.61
CA MET B 4 -21.18 13.24 -12.91
C MET B 4 -22.46 13.02 -13.69
N GLU B 5 -23.61 13.04 -13.02
CA GLU B 5 -24.83 12.81 -13.77
C GLU B 5 -25.20 13.96 -14.69
N ALA B 6 -24.55 15.11 -14.56
CA ALA B 6 -24.74 16.12 -15.58
C ALA B 6 -24.13 15.72 -16.92
N PHE B 7 -23.20 14.75 -16.92
CA PHE B 7 -22.47 14.40 -18.13
C PHE B 7 -22.86 13.03 -18.68
N LEU B 8 -24.02 12.50 -18.26
CA LEU B 8 -24.49 11.20 -18.70
C LEU B 8 -25.87 11.34 -19.31
N LEU B 9 -26.09 10.69 -20.45
CA LEU B 9 -27.42 10.58 -21.03
C LEU B 9 -27.75 9.10 -21.24
N GLU B 10 -29.03 8.75 -21.19
CA GLU B 10 -29.39 7.39 -21.54
C GLU B 10 -29.01 7.07 -22.97
N ASN B 11 -28.46 5.87 -23.17
CA ASN B 11 -28.00 5.45 -24.49
C ASN B 11 -29.17 4.80 -25.22
N ARG B 12 -30.22 5.59 -25.50
CA ARG B 12 -31.47 5.06 -26.11
C ARG B 12 -31.16 4.23 -27.35
N LYS B 13 -30.49 4.81 -28.34
CA LYS B 13 -30.15 4.10 -29.60
C LYS B 13 -28.63 3.89 -29.64
N PRO B 14 -28.11 2.69 -29.27
CA PRO B 14 -26.68 2.47 -29.24
C PRO B 14 -25.98 2.87 -30.53
N LYS B 15 -24.96 3.72 -30.43
CA LYS B 15 -24.16 4.15 -31.60
C LYS B 15 -22.93 3.25 -31.71
N ILE B 16 -22.91 2.13 -30.98
CA ILE B 16 -21.79 1.14 -31.06
C ILE B 16 -22.32 -0.26 -30.78
N THR B 17 -22.11 -1.22 -31.69
CA THR B 17 -22.37 -2.62 -31.40
C THR B 17 -21.08 -3.37 -31.69
N THR B 18 -20.74 -4.27 -30.79
CA THR B 18 -19.55 -5.10 -30.87
C THR B 18 -20.00 -6.52 -31.12
N LEU B 19 -19.33 -7.21 -32.03
CA LEU B 19 -19.66 -8.60 -32.36
C LEU B 19 -18.50 -9.52 -32.00
N ALA B 20 -18.87 -10.73 -31.56
CA ALA B 20 -17.86 -11.72 -31.14
C ALA B 20 -18.43 -13.12 -31.31
N SER B 21 -17.87 -13.87 -32.27
CA SER B 21 -18.18 -15.28 -32.50
C SER B 21 -19.68 -15.55 -32.47
N GLY B 22 -20.40 -14.75 -33.25
CA GLY B 22 -21.83 -14.91 -33.40
C GLY B 22 -22.66 -14.14 -32.41
N LYS B 23 -22.06 -13.58 -31.37
CA LYS B 23 -22.78 -12.86 -30.34
C LYS B 23 -22.70 -11.36 -30.58
N THR B 24 -23.84 -10.70 -30.46
CA THR B 24 -23.90 -9.25 -30.39
C THR B 24 -23.85 -8.84 -28.92
N LEU B 25 -22.84 -8.07 -28.54
CA LEU B 25 -22.68 -7.70 -27.14
C LEU B 25 -23.68 -6.61 -26.75
N LYS B 26 -24.07 -6.62 -25.48
CA LYS B 26 -25.07 -5.68 -25.01
C LYS B 26 -24.53 -4.26 -25.03
N PRO B 27 -25.22 -3.33 -25.70
CA PRO B 27 -24.80 -1.92 -25.71
C PRO B 27 -24.76 -1.28 -24.33
N ALA B 28 -23.88 -0.26 -24.20
CA ALA B 28 -23.80 0.45 -22.94
C ALA B 28 -25.15 1.14 -22.70
N THR B 29 -25.52 1.24 -21.43
CA THR B 29 -26.78 1.89 -21.08
C THR B 29 -26.72 3.40 -21.22
N HIS B 30 -25.55 4.00 -21.09
CA HIS B 30 -25.43 5.44 -21.09
C HIS B 30 -24.29 5.90 -21.98
N ARG B 31 -24.30 7.21 -22.25
CA ARG B 31 -23.22 7.82 -23.01
C ARG B 31 -22.74 9.08 -22.32
N LEU B 32 -21.44 9.35 -22.39
CA LEU B 32 -20.95 10.62 -21.91
C LEU B 32 -21.48 11.72 -22.82
N ASN B 33 -21.69 12.90 -22.24
CA ASN B 33 -22.23 14.02 -22.98
C ASN B 33 -21.84 15.34 -22.32
N LEU B 34 -21.52 16.33 -23.14
CA LEU B 34 -21.26 17.67 -22.64
C LEU B 34 -22.54 18.48 -22.79
N PRO B 35 -23.27 18.76 -21.71
CA PRO B 35 -24.61 19.37 -21.87
C PRO B 35 -24.61 20.73 -22.52
N ALA B 36 -23.55 21.52 -22.34
CA ALA B 36 -23.50 22.83 -22.99
C ALA B 36 -23.47 22.70 -24.50
N TYR B 37 -22.86 21.63 -25.01
CA TYR B 37 -22.84 21.40 -26.45
C TYR B 37 -24.25 21.06 -26.96
N THR B 38 -24.92 20.10 -26.31
CA THR B 38 -26.28 19.77 -26.69
C THR B 38 -27.18 21.00 -26.67
N LYS B 39 -27.07 21.81 -25.62
CA LYS B 39 -27.88 23.01 -25.51
C LYS B 39 -27.58 23.98 -26.66
N LEU B 40 -26.30 24.15 -27.00
CA LEU B 40 -25.92 25.03 -28.10
C LEU B 40 -26.55 24.56 -29.41
N ILE B 41 -26.41 23.27 -29.72
CA ILE B 41 -26.96 22.75 -30.98
C ILE B 41 -28.46 23.00 -31.01
N HIS B 42 -29.14 22.71 -29.90
CA HIS B 42 -30.58 22.90 -29.87
C HIS B 42 -30.96 24.35 -30.11
N GLU B 43 -30.23 25.27 -29.47
CA GLU B 43 -30.54 26.68 -29.62
C GLU B 43 -30.27 27.17 -31.04
N LEU B 44 -29.18 26.71 -31.65
CA LEU B 44 -28.89 27.12 -33.02
C LEU B 44 -29.93 26.56 -34.00
N ARG B 45 -30.33 25.31 -33.81
CA ARG B 45 -31.31 24.69 -34.69
C ARG B 45 -32.66 25.41 -34.60
N THR B 46 -33.08 25.76 -33.40
CA THR B 46 -34.41 26.32 -33.20
C THR B 46 -34.45 27.84 -33.23
N LYS B 47 -33.33 28.50 -33.50
CA LYS B 47 -33.27 29.96 -33.56
C LYS B 47 -33.65 30.57 -32.23
N THR B 48 -33.15 29.99 -31.14
CA THR B 48 -33.38 30.50 -29.79
C THR B 48 -32.09 30.80 -29.04
N HIS B 49 -30.96 30.89 -29.74
CA HIS B 49 -29.73 31.33 -29.09
C HIS B 49 -29.78 32.82 -28.80
N ALA B 50 -29.25 33.22 -27.63
CA ALA B 50 -29.40 34.60 -27.19
C ALA B 50 -28.50 35.59 -27.92
N LYS B 51 -27.42 35.13 -28.55
CA LYS B 51 -26.43 36.05 -29.18
C LYS B 51 -26.22 35.77 -30.67
N VAL B 52 -26.49 34.56 -31.17
CA VAL B 52 -26.14 34.21 -32.54
C VAL B 52 -27.37 33.62 -33.21
N THR B 53 -27.63 34.05 -34.43
CA THR B 53 -28.72 33.51 -35.23
C THR B 53 -28.12 33.06 -36.55
N ILE B 54 -28.26 31.77 -36.85
CA ILE B 54 -27.80 31.28 -38.15
C ILE B 54 -28.72 31.82 -39.23
N SER B 55 -28.13 32.46 -40.24
CA SER B 55 -28.91 33.05 -41.33
C SER B 55 -28.83 32.25 -42.62
N LEU B 56 -28.00 31.23 -42.66
CA LEU B 56 -27.92 30.36 -43.83
C LEU B 56 -29.23 29.57 -43.96
N SER B 57 -29.55 29.16 -45.18
CA SER B 57 -30.76 28.39 -45.41
C SER B 57 -30.64 27.01 -44.76
N THR B 58 -31.71 26.59 -44.08
CA THR B 58 -31.74 25.29 -43.42
C THR B 58 -32.25 24.17 -44.32
N GLU B 59 -32.46 24.45 -45.61
CA GLU B 59 -32.78 23.39 -46.57
C GLU B 59 -31.55 22.59 -47.01
N SER B 60 -30.35 23.01 -46.61
CA SER B 60 -29.13 22.24 -46.83
C SER B 60 -28.41 22.10 -45.50
N GLN B 61 -27.51 21.14 -45.43
CA GLN B 61 -26.84 20.89 -44.16
C GLN B 61 -25.95 22.07 -43.80
N ILE B 62 -25.86 22.34 -42.51
CA ILE B 62 -25.10 23.47 -41.97
C ILE B 62 -24.08 22.89 -41.01
N HIS B 63 -22.83 23.32 -41.15
CA HIS B 63 -21.74 22.93 -40.27
C HIS B 63 -21.18 24.18 -39.62
N MET B 64 -20.31 23.99 -38.62
CA MET B 64 -19.63 25.12 -38.05
C MET B 64 -18.19 24.72 -37.74
N VAL B 65 -17.29 25.69 -37.84
CA VAL B 65 -15.85 25.50 -37.64
C VAL B 65 -15.30 26.75 -36.98
N TRP B 66 -14.41 26.56 -36.01
CA TRP B 66 -13.71 27.66 -35.38
C TRP B 66 -12.61 28.19 -36.30
N VAL B 67 -12.44 29.51 -36.31
CA VAL B 67 -11.27 30.13 -36.93
C VAL B 67 -10.68 31.12 -35.96
N LYS B 68 -9.51 31.62 -36.29
CA LYS B 68 -8.83 32.52 -35.36
C LYS B 68 -9.65 33.73 -35.04
N SER B 69 -10.56 34.12 -35.92
CA SER B 69 -11.37 35.31 -35.72
C SER B 69 -12.76 35.03 -35.22
N GLY B 70 -13.14 33.78 -35.03
CA GLY B 70 -14.44 33.49 -34.48
C GLY B 70 -14.98 32.14 -34.93
N LEU B 71 -16.27 32.12 -35.27
CA LEU B 71 -16.99 30.89 -35.60
C LEU B 71 -17.61 31.04 -36.99
N VAL B 72 -17.38 30.05 -37.85
CA VAL B 72 -17.91 30.08 -39.20
C VAL B 72 -18.96 29.00 -39.35
N PHE B 73 -20.20 29.42 -39.65
CA PHE B 73 -21.23 28.48 -40.09
C PHE B 73 -21.08 28.36 -41.60
N PHE B 74 -21.23 27.14 -42.12
CA PHE B 74 -21.04 26.98 -43.55
C PHE B 74 -21.88 25.82 -44.07
N THR B 75 -22.24 25.93 -45.34
CA THR B 75 -22.90 24.86 -46.07
C THR B 75 -21.92 24.28 -47.07
N PRO B 76 -21.42 23.06 -46.86
CA PRO B 76 -20.49 22.48 -47.82
C PRO B 76 -21.22 22.01 -49.05
N SER B 77 -20.55 22.13 -50.20
CA SER B 77 -21.01 21.45 -51.40
C SER B 77 -20.66 19.97 -51.31
N ALA B 78 -21.20 19.19 -52.25
CA ALA B 78 -20.98 17.74 -52.19
C ALA B 78 -19.51 17.36 -52.27
N SER B 79 -18.66 18.22 -52.83
CA SER B 79 -17.24 17.90 -52.99
C SER B 79 -16.38 18.28 -51.79
N HIS B 80 -16.97 18.96 -50.78
CA HIS B 80 -16.22 19.38 -49.61
C HIS B 80 -16.00 18.22 -48.65
N PRO B 81 -14.84 18.14 -47.99
CA PRO B 81 -14.59 17.01 -47.07
C PRO B 81 -15.57 16.93 -45.91
N ALA B 82 -16.22 18.03 -45.53
CA ALA B 82 -17.16 18.00 -44.42
C ALA B 82 -18.54 17.49 -44.83
N TYR B 83 -18.80 17.39 -46.14
CA TYR B 83 -20.11 17.03 -46.63
C TYR B 83 -20.53 15.64 -46.17
N VAL B 84 -21.76 15.52 -45.70
CA VAL B 84 -22.32 14.25 -45.23
C VAL B 84 -23.43 13.78 -46.17
N ASN B 85 -23.27 12.57 -46.69
CA ASN B 85 -24.24 11.96 -47.58
C ASN B 85 -25.38 11.33 -46.79
N THR B 114 -11.00 14.22 -56.13
CA THR B 114 -11.42 15.63 -55.92
C THR B 114 -10.39 16.32 -55.06
N PRO B 115 -9.88 17.52 -55.44
CA PRO B 115 -8.83 18.17 -54.67
C PRO B 115 -9.38 18.79 -53.40
N LEU B 116 -8.57 18.82 -52.33
CA LEU B 116 -8.99 19.43 -51.04
C LEU B 116 -9.28 20.92 -51.28
N PRO B 117 -10.17 21.58 -50.50
CA PRO B 117 -10.40 23.00 -50.66
C PRO B 117 -9.09 23.75 -50.82
N ASN B 118 -9.01 24.70 -51.76
CA ASN B 118 -7.80 25.46 -52.02
C ASN B 118 -8.23 26.89 -52.39
N ASP B 119 -7.25 27.73 -52.76
CA ASP B 119 -7.53 29.13 -53.00
C ASP B 119 -8.29 29.41 -54.29
N GLU B 120 -8.53 28.40 -55.14
CA GLU B 120 -9.31 28.59 -56.39
C GLU B 120 -10.72 28.00 -56.22
N ALA B 121 -10.88 26.87 -55.54
CA ALA B 121 -12.19 26.26 -55.30
C ALA B 121 -12.25 25.81 -53.84
N SER B 122 -13.12 26.47 -53.06
CA SER B 122 -13.26 26.15 -51.64
C SER B 122 -14.20 24.99 -51.39
N HIS B 123 -15.05 24.65 -52.36
CA HIS B 123 -16.11 23.65 -52.18
C HIS B 123 -17.08 24.02 -51.06
N VAL B 124 -17.16 25.30 -50.71
CA VAL B 124 -18.12 25.80 -49.73
C VAL B 124 -19.16 26.59 -50.51
N ALA B 125 -20.43 26.21 -50.36
CA ALA B 125 -21.49 26.89 -51.10
C ALA B 125 -21.83 28.23 -50.48
N SER B 126 -21.85 28.32 -49.15
CA SER B 126 -22.13 29.59 -48.50
C SER B 126 -21.61 29.53 -47.08
N PHE B 127 -21.38 30.71 -46.51
CA PHE B 127 -20.87 30.77 -45.15
C PHE B 127 -21.31 32.04 -44.46
N GLN B 128 -21.19 32.00 -43.13
CA GLN B 128 -21.53 33.09 -42.22
C GLN B 128 -20.52 33.10 -41.09
N LEU B 129 -19.74 34.17 -41.02
CA LEU B 129 -18.77 34.35 -39.97
C LEU B 129 -19.39 35.11 -38.80
N VAL B 130 -19.21 34.58 -37.60
CA VAL B 130 -19.58 35.26 -36.37
C VAL B 130 -18.27 35.52 -35.62
N THR B 131 -17.90 36.80 -35.46
CA THR B 131 -16.65 37.12 -34.79
C THR B 131 -16.80 36.90 -33.28
N TRP B 132 -15.66 36.88 -32.57
CA TRP B 132 -15.67 36.71 -31.12
C TRP B 132 -16.58 37.71 -30.43
N LYS B 133 -16.46 38.99 -30.79
CA LYS B 133 -17.22 40.05 -30.14
C LYS B 133 -18.70 39.95 -30.42
N ASP B 134 -19.09 39.34 -31.54
CA ASP B 134 -20.49 39.28 -31.95
C ASP B 134 -21.17 37.98 -31.49
N GLY B 135 -20.55 37.22 -30.59
CA GLY B 135 -21.22 36.09 -30.00
C GLY B 135 -20.38 34.83 -29.94
N ALA B 136 -19.34 34.75 -30.78
CA ALA B 136 -18.56 33.51 -30.79
C ALA B 136 -17.81 33.30 -29.49
N LEU B 137 -17.40 34.38 -28.81
CA LEU B 137 -16.69 34.20 -27.55
C LEU B 137 -17.65 33.76 -26.46
N SER B 138 -18.87 34.32 -26.48
CA SER B 138 -19.89 33.87 -25.55
C SER B 138 -20.17 32.38 -25.72
N ILE B 139 -20.27 31.91 -26.97
CA ILE B 139 -20.48 30.48 -27.20
C ILE B 139 -19.30 29.68 -26.67
N LEU B 140 -18.08 30.12 -27.01
CA LEU B 140 -16.90 29.38 -26.60
C LEU B 140 -16.77 29.33 -25.09
N ASN B 141 -17.08 30.45 -24.42
CA ASN B 141 -16.99 30.49 -22.97
C ASN B 141 -17.97 29.49 -22.35
N ASP B 142 -19.20 29.42 -22.86
CA ASP B 142 -20.17 28.49 -22.30
C ASP B 142 -19.70 27.04 -22.48
N LEU B 143 -19.16 26.73 -23.65
CA LEU B 143 -18.65 25.38 -23.90
C LEU B 143 -17.45 25.07 -23.03
N SER B 144 -16.53 26.03 -22.91
CA SER B 144 -15.31 25.80 -22.16
C SER B 144 -15.59 25.62 -20.68
N LYS B 145 -16.47 26.45 -20.12
CA LYS B 145 -16.83 26.30 -18.72
C LYS B 145 -17.35 24.89 -18.42
N CYS B 146 -18.18 24.36 -19.31
CA CYS B 146 -18.71 23.00 -19.15
C CYS B 146 -17.61 21.95 -19.26
N ALA B 147 -16.72 22.10 -20.25
CA ALA B 147 -15.64 21.14 -20.42
C ALA B 147 -14.68 21.14 -19.24
N ILE B 148 -14.32 22.31 -18.73
CA ILE B 148 -13.47 22.40 -17.56
C ILE B 148 -14.19 21.83 -16.33
N SER B 149 -15.50 22.06 -16.25
CA SER B 149 -16.30 21.50 -15.17
C SER B 149 -16.24 19.98 -15.20
N PHE B 150 -16.34 19.41 -16.39
CA PHE B 150 -16.22 17.96 -16.52
C PHE B 150 -14.87 17.48 -16.00
N ILE B 151 -13.79 18.13 -16.42
CA ILE B 151 -12.45 17.70 -16.00
C ILE B 151 -12.32 17.75 -14.48
N ASN B 152 -12.81 18.82 -13.86
CA ASN B 152 -12.75 18.96 -12.42
C ASN B 152 -13.66 17.96 -11.71
N GLN B 153 -14.82 17.69 -12.30
CA GLN B 153 -15.80 16.75 -11.71
C GLN B 153 -15.21 15.34 -11.76
N CYS B 154 -14.42 14.99 -12.78
CA CYS B 154 -13.74 13.69 -12.81
C CYS B 154 -12.72 13.53 -11.68
N GLU B 155 -12.02 14.61 -11.34
CA GLU B 155 -11.10 14.57 -10.21
C GLU B 155 -11.88 14.39 -8.91
N ASP B 156 -12.96 15.17 -8.71
CA ASP B 156 -13.72 15.05 -7.48
C ASP B 156 -14.31 13.65 -7.34
N THR B 157 -14.81 13.08 -8.45
CA THR B 157 -15.56 11.84 -8.36
C THR B 157 -14.65 10.61 -8.32
N PHE B 158 -13.58 10.60 -9.10
CA PHE B 158 -12.79 9.39 -9.26
C PHE B 158 -11.43 9.43 -8.59
N LYS B 159 -10.95 10.61 -8.20
CA LYS B 159 -9.57 10.75 -7.73
C LYS B 159 -9.46 11.34 -6.34
N SER B 160 -10.54 11.39 -5.57
CA SER B 160 -10.48 12.05 -4.27
C SER B 160 -10.73 11.09 -3.11
N GLY B 161 -10.78 9.79 -3.38
CA GLY B 161 -11.03 8.74 -2.39
C GLY B 161 -12.42 8.75 -1.80
N THR B 162 -13.34 9.47 -2.44
CA THR B 162 -14.71 9.63 -2.02
C THR B 162 -15.54 8.40 -2.36
N ASN B 163 -16.45 8.06 -1.45
CA ASN B 163 -17.39 6.97 -1.70
C ASN B 163 -18.15 7.27 -2.97
N LEU B 164 -18.42 6.21 -3.73
CA LEU B 164 -19.12 6.35 -5.00
C LEU B 164 -20.29 5.41 -5.06
N ASN B 165 -21.35 5.88 -5.73
CA ASN B 165 -22.48 5.03 -6.03
C ASN B 165 -22.07 3.99 -7.05
N LYS B 166 -22.31 2.72 -6.74
CA LYS B 166 -21.86 1.66 -7.64
C LYS B 166 -22.51 1.75 -9.00
N GLU B 167 -23.81 1.97 -9.05
CA GLU B 167 -24.48 2.02 -10.34
C GLU B 167 -23.97 3.17 -11.19
N MET B 168 -23.87 4.36 -10.60
CA MET B 168 -23.35 5.48 -11.35
C MET B 168 -21.92 5.26 -11.81
N TYR B 169 -21.07 4.70 -10.95
CA TYR B 169 -19.69 4.42 -11.35
C TYR B 169 -19.68 3.52 -12.59
N ASN B 170 -20.45 2.43 -12.56
CA ASN B 170 -20.40 1.52 -13.69
C ASN B 170 -21.05 2.14 -14.93
N ARG B 171 -22.09 2.97 -14.77
CA ARG B 171 -22.59 3.67 -15.94
C ARG B 171 -21.51 4.54 -16.58
N CYS B 172 -20.68 5.18 -15.75
CA CYS B 172 -19.66 6.07 -16.27
C CYS B 172 -18.58 5.28 -17.01
N ILE B 173 -18.02 4.25 -16.38
CA ILE B 173 -16.87 3.62 -17.01
C ILE B 173 -17.23 2.63 -18.11
N THR B 174 -18.52 2.32 -18.30
CA THR B 174 -18.94 1.54 -19.47
C THR B 174 -19.62 2.39 -20.54
N ALA B 175 -19.75 3.70 -20.33
CA ALA B 175 -20.51 4.57 -21.22
C ALA B 175 -19.89 4.68 -22.61
N GLU B 176 -20.75 4.90 -23.60
CA GLU B 176 -20.24 5.25 -24.92
C GLU B 176 -19.61 6.63 -24.84
N SER B 177 -18.54 6.84 -25.62
CA SER B 177 -17.81 8.09 -25.49
C SER B 177 -17.43 8.76 -26.81
N ARG B 178 -17.80 8.18 -27.96
CA ARG B 178 -17.31 8.70 -29.23
C ARG B 178 -17.86 10.09 -29.49
N ASP B 179 -19.17 10.29 -29.26
CA ASP B 179 -19.75 11.62 -29.45
C ASP B 179 -19.14 12.63 -28.49
N PHE B 180 -18.94 12.22 -27.24
CA PHE B 180 -18.35 13.11 -26.25
C PHE B 180 -16.95 13.54 -26.65
N CYS B 181 -16.14 12.62 -27.13
CA CYS B 181 -14.80 12.99 -27.59
C CYS B 181 -14.87 14.03 -28.69
N ASN B 182 -15.83 13.90 -29.61
CA ASN B 182 -15.97 14.90 -30.67
C ASN B 182 -16.42 16.24 -30.11
N GLN B 183 -17.31 16.24 -29.11
CA GLN B 183 -17.69 17.49 -28.51
C GLN B 183 -16.50 18.16 -27.85
N MET B 184 -15.69 17.39 -27.11
CA MET B 184 -14.55 17.98 -26.42
C MET B 184 -13.48 18.45 -27.42
N LYS B 185 -13.28 17.71 -28.51
CA LYS B 185 -12.39 18.16 -29.57
C LYS B 185 -12.83 19.51 -30.14
N PHE B 186 -14.14 19.69 -30.33
CA PHE B 186 -14.64 20.97 -30.83
C PHE B 186 -14.36 22.10 -29.84
N VAL B 187 -14.59 21.87 -28.55
CA VAL B 187 -14.29 22.89 -27.55
C VAL B 187 -12.79 23.21 -27.54
N LEU B 188 -11.96 22.17 -27.61
CA LEU B 188 -10.52 22.38 -27.60
C LEU B 188 -10.07 23.28 -28.74
N ILE B 189 -10.53 22.98 -29.95
CA ILE B 189 -10.07 23.73 -31.12
C ILE B 189 -10.56 25.17 -31.03
N GLY B 190 -11.74 25.40 -30.46
CA GLY B 190 -12.16 26.77 -30.23
C GLY B 190 -11.25 27.50 -29.26
N ARG B 191 -10.84 26.81 -28.18
CA ARG B 191 -9.90 27.40 -27.25
C ARG B 191 -8.57 27.74 -27.91
N LEU B 192 -8.09 26.85 -28.79
CA LEU B 192 -6.82 27.11 -29.47
C LEU B 192 -6.95 28.26 -30.46
N CYS B 193 -8.04 28.28 -31.25
CA CYS B 193 -8.23 29.37 -32.19
C CYS B 193 -8.30 30.71 -31.50
N TYR B 194 -9.00 30.76 -30.37
CA TYR B 194 -9.20 32.02 -29.66
C TYR B 194 -7.92 32.44 -28.95
N GLY B 195 -7.28 31.53 -28.24
CA GLY B 195 -6.25 31.90 -27.28
C GLY B 195 -5.18 30.85 -27.03
N GLN B 196 -4.71 30.15 -28.06
CA GLN B 196 -3.63 29.18 -27.84
C GLN B 196 -2.46 29.73 -27.02
N THR B 197 -1.99 30.93 -27.33
CA THR B 197 -0.79 31.46 -26.69
C THR B 197 -1.09 32.24 -25.43
N THR B 198 -2.28 32.81 -25.30
CA THR B 198 -2.63 33.69 -24.18
C THR B 198 -3.47 33.00 -23.11
N SER B 199 -4.32 32.04 -23.47
CA SER B 199 -5.14 31.31 -22.49
C SER B 199 -5.18 29.85 -22.92
N PRO B 200 -4.05 29.16 -22.89
CA PRO B 200 -3.99 27.81 -23.46
C PRO B 200 -4.91 26.85 -22.71
N PRO B 201 -5.58 25.95 -23.43
CA PRO B 201 -6.38 24.91 -22.78
C PRO B 201 -5.49 23.96 -21.99
N PRO B 202 -6.01 23.32 -20.95
CA PRO B 202 -5.22 22.33 -20.20
C PRO B 202 -5.04 21.04 -20.96
N ILE B 203 -4.00 20.29 -20.58
CA ILE B 203 -3.69 19.04 -21.26
C ILE B 203 -4.85 18.06 -21.18
N GLN B 204 -5.65 18.13 -20.10
CA GLN B 204 -6.80 17.26 -19.95
C GLN B 204 -7.83 17.47 -21.05
N LEU B 205 -7.82 18.63 -21.70
CA LEU B 205 -8.66 18.90 -22.86
C LEU B 205 -7.89 18.71 -24.15
N TYR B 206 -6.61 19.07 -24.18
CA TYR B 206 -5.81 18.90 -25.39
C TYR B 206 -5.79 17.46 -25.86
N GLN B 207 -5.86 16.51 -24.92
CA GLN B 207 -5.74 15.10 -25.29
C GLN B 207 -6.80 14.67 -26.28
N TYR B 208 -7.97 15.31 -26.26
CA TYR B 208 -9.01 14.93 -27.22
C TYR B 208 -8.63 15.32 -28.62
N GLY B 209 -7.73 16.29 -28.76
CA GLY B 209 -7.36 16.69 -30.09
C GLY B 209 -6.30 15.82 -30.70
N VAL B 210 -5.63 14.99 -29.90
CA VAL B 210 -4.57 14.20 -30.50
C VAL B 210 -4.84 12.70 -30.36
N THR B 211 -6.03 12.33 -29.89
CA THR B 211 -6.43 10.93 -29.88
C THR B 211 -7.83 11.03 -30.48
N PRO B 212 -8.12 10.28 -31.56
CA PRO B 212 -9.46 10.28 -32.17
C PRO B 212 -10.56 9.89 -31.21
N PHE B 213 -10.30 8.84 -30.43
CA PHE B 213 -11.30 8.28 -29.51
C PHE B 213 -10.65 7.79 -28.24
N ILE B 214 -11.20 8.13 -27.09
CA ILE B 214 -10.81 7.66 -25.78
C ILE B 214 -12.01 7.00 -25.13
N SER B 215 -11.81 5.81 -24.61
CA SER B 215 -12.91 5.12 -23.97
C SER B 215 -13.27 5.82 -22.67
N ALA B 216 -14.52 5.61 -22.23
CA ALA B 216 -15.01 6.32 -21.05
C ALA B 216 -14.18 5.98 -19.81
N ASP B 217 -13.73 4.72 -19.67
CA ASP B 217 -13.01 4.37 -18.45
C ASP B 217 -11.66 5.11 -18.40
N ILE B 218 -11.03 5.29 -19.55
CA ILE B 218 -9.78 6.07 -19.59
C ILE B 218 -10.07 7.55 -19.38
N ILE B 219 -11.14 8.08 -19.97
CA ILE B 219 -11.50 9.47 -19.72
C ILE B 219 -11.66 9.70 -18.22
N CYS B 220 -12.41 8.82 -17.56
CA CYS B 220 -12.78 9.07 -16.17
C CYS B 220 -11.60 8.89 -15.23
N GLU B 221 -10.77 7.87 -15.46
CA GLU B 221 -9.75 7.51 -14.49
C GLU B 221 -8.32 7.46 -15.03
N GLY B 222 -8.11 7.54 -16.34
CA GLY B 222 -6.80 7.49 -16.93
C GLY B 222 -6.56 8.72 -17.80
N ALA B 223 -5.75 8.55 -18.85
CA ALA B 223 -5.45 9.64 -19.76
C ALA B 223 -4.79 9.10 -21.02
N ALA B 224 -4.85 9.90 -22.09
CA ALA B 224 -4.10 9.61 -23.30
C ALA B 224 -2.68 10.17 -23.25
N TYR B 225 -2.21 10.58 -22.08
CA TYR B 225 -0.86 11.11 -21.86
C TYR B 225 -0.37 10.52 -20.53
N ARG B 226 0.91 10.70 -20.23
CA ARG B 226 1.49 10.32 -18.95
C ARG B 226 2.18 11.53 -18.32
N SER B 227 2.78 11.32 -17.16
CA SER B 227 3.20 12.43 -16.31
C SER B 227 4.21 13.31 -17.03
N ILE B 228 5.14 12.70 -17.77
CA ILE B 228 6.13 13.53 -18.45
C ILE B 228 5.47 14.50 -19.42
N ASP B 229 4.36 14.09 -20.05
CA ASP B 229 3.71 14.97 -21.00
C ASP B 229 3.13 16.20 -20.31
N VAL B 230 2.71 16.02 -19.05
CA VAL B 230 2.13 17.10 -18.27
C VAL B 230 3.15 18.21 -18.04
N GLU B 231 4.37 17.86 -17.62
CA GLU B 231 5.38 18.87 -17.41
C GLU B 231 5.83 19.49 -18.72
N ASN B 232 5.97 18.68 -19.76
CA ASN B 232 6.30 19.15 -21.11
C ASN B 232 5.30 20.15 -21.67
N TYR B 233 4.01 19.91 -21.45
CA TYR B 233 2.98 20.70 -22.13
C TYR B 233 3.05 22.18 -21.80
N ALA B 234 3.35 22.55 -20.57
CA ALA B 234 3.45 23.98 -20.28
C ALA B 234 4.49 24.64 -21.18
N MET B 235 5.56 23.92 -21.49
CA MET B 235 6.61 24.44 -22.35
C MET B 235 6.28 24.30 -23.83
N ASN B 236 5.55 23.26 -24.22
CA ASN B 236 5.39 23.00 -25.64
C ASN B 236 4.17 23.70 -26.23
N SER B 237 3.26 24.20 -25.39
CA SER B 237 1.94 24.56 -25.87
C SER B 237 1.94 25.62 -26.96
N ASN B 238 2.93 26.52 -26.99
CA ASN B 238 2.95 27.52 -28.06
C ASN B 238 3.40 26.96 -29.39
N HIS B 239 3.67 25.67 -29.50
CA HIS B 239 4.32 25.12 -30.68
C HIS B 239 3.57 23.90 -31.19
N LEU B 240 2.39 23.63 -30.63
CA LEU B 240 1.71 22.40 -30.93
C LEU B 240 0.70 22.53 -32.06
N VAL B 241 0.41 23.76 -32.51
CA VAL B 241 -0.71 23.97 -33.43
C VAL B 241 -0.19 24.54 -34.75
N SER B 242 -0.61 23.93 -35.85
CA SER B 242 -0.43 24.47 -37.20
C SER B 242 -1.78 24.94 -37.72
N TYR B 243 -1.81 26.14 -38.27
CA TYR B 243 -3.03 26.71 -38.82
C TYR B 243 -2.94 26.76 -40.34
N ALA B 244 -4.11 26.76 -40.99
CA ALA B 244 -4.20 26.90 -42.44
C ALA B 244 -5.54 27.53 -42.76
N PRO B 245 -5.70 28.07 -43.97
CA PRO B 245 -6.98 28.72 -44.29
C PRO B 245 -8.15 27.73 -44.31
N PHE B 246 -9.29 28.19 -43.78
CA PHE B 246 -10.59 27.58 -44.07
C PHE B 246 -11.12 28.34 -45.29
N PHE B 247 -10.94 27.75 -46.47
CA PHE B 247 -11.28 28.43 -47.71
C PHE B 247 -12.79 28.59 -47.86
N VAL B 248 -13.20 29.80 -48.22
CA VAL B 248 -14.60 30.06 -48.57
C VAL B 248 -14.63 30.93 -49.82
N PRO B 249 -15.75 30.96 -50.52
CA PRO B 249 -15.81 31.70 -51.79
C PRO B 249 -15.76 33.21 -51.57
N ASN B 250 -15.08 33.89 -52.50
CA ASN B 250 -15.19 35.34 -52.64
C ASN B 250 -16.57 35.68 -53.20
N ASP B 251 -17.21 36.70 -52.65
CA ASP B 251 -18.60 36.93 -53.07
C ASP B 251 -18.70 37.71 -54.39
N THR B 252 -17.78 38.63 -54.68
CA THR B 252 -17.87 39.41 -55.92
C THR B 252 -16.83 39.05 -56.99
N LYS B 253 -15.89 38.17 -56.70
CA LYS B 253 -14.74 37.88 -57.53
C LYS B 253 -14.60 36.37 -57.56
N PRO B 254 -13.93 35.81 -58.55
CA PRO B 254 -13.61 34.38 -58.52
C PRO B 254 -12.62 34.02 -57.41
N GLY B 255 -12.58 32.72 -57.12
CA GLY B 255 -11.64 32.16 -56.18
C GLY B 255 -12.11 32.26 -54.75
N SER B 256 -11.18 31.94 -53.85
CA SER B 256 -11.47 31.82 -52.43
C SER B 256 -10.89 32.94 -51.59
N ARG B 257 -11.62 33.29 -50.53
CA ARG B 257 -11.03 34.06 -49.44
C ARG B 257 -10.05 33.17 -48.68
N ILE B 258 -8.89 33.70 -48.30
CA ILE B 258 -7.83 32.89 -47.74
C ILE B 258 -7.43 33.35 -46.34
N ASP B 259 -8.19 34.28 -45.75
CA ASP B 259 -7.76 34.91 -44.52
C ASP B 259 -8.41 34.35 -43.27
N LEU B 260 -9.35 33.41 -43.42
CA LEU B 260 -9.94 32.74 -42.26
C LEU B 260 -9.11 31.51 -41.94
N LEU B 261 -8.47 31.51 -40.77
CA LEU B 261 -7.49 30.50 -40.41
C LEU B 261 -8.05 29.51 -39.38
N MET B 262 -7.97 28.22 -39.72
CA MET B 262 -8.47 27.14 -38.89
C MET B 262 -7.28 26.28 -38.44
N VAL B 263 -7.52 25.47 -37.39
CA VAL B 263 -6.54 24.49 -36.96
C VAL B 263 -6.40 23.45 -38.06
N ASN B 264 -5.17 23.19 -38.50
CA ASN B 264 -4.91 22.16 -39.50
C ASN B 264 -4.23 20.93 -38.95
N HIS B 265 -3.27 21.09 -38.05
CA HIS B 265 -2.61 19.95 -37.42
C HIS B 265 -2.40 20.24 -35.95
N LEU B 266 -2.52 19.20 -35.12
CA LEU B 266 -2.19 19.27 -33.69
C LEU B 266 -1.09 18.26 -33.39
N LYS B 267 -0.01 18.72 -32.73
CA LYS B 267 1.15 17.86 -32.48
C LYS B 267 0.80 16.85 -31.40
N LYS B 268 1.10 15.58 -31.64
CA LYS B 268 0.81 14.55 -30.64
C LYS B 268 1.82 14.63 -29.50
N PHE B 269 1.54 13.89 -28.43
CA PHE B 269 2.37 13.97 -27.24
C PHE B 269 3.78 13.46 -27.48
N ASN B 270 3.99 12.59 -28.47
CA ASN B 270 5.35 12.17 -28.76
C ASN B 270 6.15 13.28 -29.42
N LEU B 271 5.49 14.35 -29.87
CA LEU B 271 6.07 15.57 -30.45
C LEU B 271 6.69 15.34 -31.83
N ILE B 272 6.45 14.18 -32.44
CA ILE B 272 6.94 13.87 -33.78
C ILE B 272 5.82 13.96 -34.79
N PHE B 273 4.70 13.30 -34.50
CA PHE B 273 3.60 13.17 -35.44
C PHE B 273 2.45 14.08 -35.04
N ASP B 274 1.54 14.28 -36.00
CA ASP B 274 0.43 15.20 -35.82
C ASP B 274 -0.88 14.49 -36.13
N THR B 275 -1.95 15.03 -35.56
CA THR B 275 -3.31 14.70 -35.94
C THR B 275 -3.77 15.76 -36.93
N TRP B 276 -4.29 15.32 -38.07
CA TRP B 276 -4.67 16.22 -39.16
C TRP B 276 -6.15 16.53 -39.11
N TYR B 277 -6.47 17.81 -39.29
CA TYR B 277 -7.85 18.26 -39.31
C TYR B 277 -8.16 18.82 -40.69
N LYS B 278 -8.72 17.94 -41.53
CA LYS B 278 -9.00 18.29 -42.93
C LYS B 278 -9.97 19.45 -43.02
N THR B 279 -10.88 19.58 -42.05
CA THR B 279 -11.85 20.66 -42.05
C THR B 279 -11.81 21.43 -40.73
N GLY B 280 -10.64 21.52 -40.10
CA GLY B 280 -10.51 22.36 -38.93
C GLY B 280 -11.30 21.94 -37.72
N GLY B 281 -11.68 20.67 -37.62
CA GLY B 281 -12.49 20.24 -36.49
C GLY B 281 -13.94 20.65 -36.60
N SER B 282 -14.44 20.83 -37.82
CA SER B 282 -15.81 21.23 -38.03
C SER B 282 -16.76 20.14 -37.54
N VAL B 283 -17.95 20.57 -37.13
CA VAL B 283 -19.02 19.69 -36.66
C VAL B 283 -20.30 20.08 -37.37
N MET B 284 -21.20 19.12 -37.51
CA MET B 284 -22.49 19.38 -38.16
C MET B 284 -23.47 19.99 -37.16
N VAL B 285 -24.19 21.00 -37.60
CA VAL B 285 -25.22 21.64 -36.78
C VAL B 285 -26.59 21.07 -37.09
N SER B 286 -26.92 20.93 -38.37
CA SER B 286 -28.22 20.46 -38.79
C SER B 286 -28.12 20.00 -40.24
N SER B 287 -28.97 19.04 -40.60
CA SER B 287 -28.94 18.46 -41.94
C SER B 287 -30.07 18.96 -42.83
N MET C 4 21.61 -1.89 10.15
CA MET C 4 21.02 -1.25 11.36
C MET C 4 21.80 0.02 11.70
N GLU C 5 23.03 0.16 11.21
CA GLU C 5 23.88 1.34 11.49
C GLU C 5 23.26 2.60 10.89
N ALA C 6 22.42 2.46 9.86
CA ALA C 6 21.72 3.59 9.22
C ALA C 6 20.71 4.20 10.19
N PHE C 7 20.27 3.44 11.20
CA PHE C 7 19.26 3.91 12.17
C PHE C 7 19.91 4.15 13.53
N LEU C 8 21.21 4.42 13.59
CA LEU C 8 21.93 4.72 14.81
C LEU C 8 22.74 5.99 14.66
N LEU C 9 22.72 6.86 15.67
CA LEU C 9 23.61 8.01 15.66
C LEU C 9 24.45 7.95 16.93
N GLU C 10 25.67 8.47 16.86
CA GLU C 10 26.49 8.56 18.05
C GLU C 10 25.80 9.44 19.07
N ASN C 11 25.80 8.98 20.31
CA ASN C 11 25.08 9.69 21.37
C ASN C 11 26.01 10.73 22.01
N ARG C 12 26.57 11.59 21.16
CA ARG C 12 27.52 12.61 21.62
C ARG C 12 26.86 13.56 22.60
N PRO C 27 25.79 5.20 30.37
CA PRO C 27 24.95 5.80 29.31
C PRO C 27 25.09 5.08 27.98
N ALA C 28 24.03 5.06 27.17
CA ALA C 28 24.14 4.40 25.88
C ALA C 28 25.11 5.17 24.97
N THR C 29 25.84 4.42 24.15
CA THR C 29 26.73 5.05 23.20
C THR C 29 26.01 5.63 21.99
N HIS C 30 24.84 5.09 21.64
CA HIS C 30 24.13 5.50 20.45
C HIS C 30 22.65 5.72 20.76
N ARG C 31 21.96 6.33 19.81
CA ARG C 31 20.52 6.53 19.93
C ARG C 31 19.90 6.09 18.62
N LEU C 32 18.72 5.49 18.66
CA LEU C 32 18.00 5.17 17.44
C LEU C 32 17.54 6.45 16.74
N ASN C 33 17.46 6.37 15.41
CA ASN C 33 17.07 7.51 14.59
C ASN C 33 16.48 7.05 13.27
N LEU C 34 15.43 7.74 12.83
CA LEU C 34 14.85 7.48 11.52
C LEU C 34 15.42 8.49 10.54
N PRO C 35 16.34 8.08 9.66
CA PRO C 35 17.03 9.09 8.84
C PRO C 35 16.12 9.90 7.93
N ALA C 36 15.01 9.32 7.47
CA ALA C 36 14.10 10.09 6.62
C ALA C 36 13.47 11.25 7.39
N TYR C 37 13.27 11.10 8.69
CA TYR C 37 12.73 12.20 9.49
C TYR C 37 13.76 13.33 9.59
N THR C 38 14.99 12.98 9.95
CA THR C 38 16.05 13.97 10.01
C THR C 38 16.22 14.70 8.68
N LYS C 39 16.20 13.95 7.58
CA LYS C 39 16.35 14.55 6.26
C LYS C 39 15.21 15.50 5.96
N LEU C 40 13.98 15.10 6.28
CA LEU C 40 12.83 15.97 6.03
C LEU C 40 12.97 17.28 6.78
N ILE C 41 13.32 17.22 8.07
CA ILE C 41 13.44 18.44 8.87
C ILE C 41 14.48 19.36 8.23
N HIS C 42 15.63 18.79 7.86
CA HIS C 42 16.69 19.60 7.28
C HIS C 42 16.23 20.25 5.99
N GLU C 43 15.55 19.49 5.13
CA GLU C 43 15.10 20.04 3.85
C GLU C 43 14.06 21.13 4.06
N LEU C 44 13.14 20.95 5.01
CA LEU C 44 12.14 21.97 5.27
C LEU C 44 12.77 23.25 5.81
N ARG C 45 13.75 23.13 6.71
CA ARG C 45 14.41 24.29 7.29
C ARG C 45 15.18 25.07 6.25
N THR C 46 15.87 24.38 5.34
CA THR C 46 16.74 25.03 4.38
C THR C 46 16.04 25.29 3.06
N LYS C 47 14.75 24.98 2.95
CA LYS C 47 14.00 25.24 1.72
C LYS C 47 14.61 24.48 0.55
N THR C 48 14.97 23.21 0.80
CA THR C 48 15.53 22.36 -0.25
C THR C 48 14.70 21.10 -0.45
N HIS C 49 13.47 21.07 0.06
CA HIS C 49 12.62 19.95 -0.26
C HIS C 49 12.15 20.03 -1.70
N ALA C 50 12.10 18.87 -2.35
CA ALA C 50 11.84 18.87 -3.78
C ALA C 50 10.38 19.15 -4.13
N LYS C 51 9.47 19.00 -3.16
CA LYS C 51 8.05 19.09 -3.48
C LYS C 51 7.31 20.15 -2.67
N VAL C 52 7.76 20.44 -1.45
CA VAL C 52 7.00 21.28 -0.52
C VAL C 52 7.91 22.40 -0.02
N THR C 53 7.37 23.61 0.02
CA THR C 53 8.07 24.78 0.55
C THR C 53 7.21 25.44 1.62
N ILE C 54 7.74 25.54 2.83
CA ILE C 54 7.04 26.25 3.89
C ILE C 54 7.02 27.73 3.58
N SER C 55 5.81 28.32 3.61
CA SER C 55 5.67 29.73 3.28
C SER C 55 5.46 30.60 4.50
N LEU C 56 5.27 29.99 5.67
CA LEU C 56 5.13 30.76 6.90
C LEU C 56 6.45 31.46 7.25
N SER C 57 6.34 32.56 7.98
CA SER C 57 7.54 33.29 8.38
C SER C 57 8.32 32.46 9.39
N THR C 58 9.65 32.41 9.19
CA THR C 58 10.50 31.65 10.09
C THR C 58 10.97 32.50 11.26
N GLU C 59 10.47 33.73 11.38
CA GLU C 59 10.72 34.53 12.57
C GLU C 59 9.99 33.96 13.79
N SER C 60 8.91 33.22 13.58
CA SER C 60 8.18 32.55 14.65
C SER C 60 8.36 31.05 14.50
N GLN C 61 8.11 30.31 15.58
CA GLN C 61 8.33 28.88 15.53
C GLN C 61 7.29 28.25 14.60
N ILE C 62 7.70 27.20 13.89
CA ILE C 62 6.84 26.52 12.91
C ILE C 62 6.75 25.07 13.33
N HIS C 63 5.52 24.56 13.37
CA HIS C 63 5.21 23.18 13.69
C HIS C 63 4.48 22.56 12.51
N MET C 64 4.29 21.22 12.52
CA MET C 64 3.50 20.63 11.47
C MET C 64 2.67 19.49 12.09
N VAL C 65 1.50 19.24 11.53
CA VAL C 65 0.59 18.23 12.03
C VAL C 65 -0.12 17.61 10.83
N TRP C 66 -0.28 16.30 10.89
CA TRP C 66 -1.05 15.60 9.87
C TRP C 66 -2.54 15.82 10.10
N VAL C 67 -3.29 15.99 9.02
CA VAL C 67 -4.74 15.95 9.06
C VAL C 67 -5.21 15.02 7.95
N LYS C 68 -6.51 14.71 7.96
CA LYS C 68 -6.97 13.75 6.97
C LYS C 68 -6.72 14.20 5.55
N SER C 69 -6.59 15.49 5.30
CA SER C 69 -6.41 15.98 3.94
C SER C 69 -4.96 16.30 3.59
N GLY C 70 -4.01 16.12 4.50
CA GLY C 70 -2.62 16.33 4.16
C GLY C 70 -1.80 16.76 5.36
N LEU C 71 -0.93 17.74 5.14
CA LEU C 71 0.03 18.20 6.14
C LEU C 71 -0.16 19.69 6.37
N VAL C 72 -0.31 20.07 7.63
CA VAL C 72 -0.50 21.46 8.01
C VAL C 72 0.73 21.96 8.76
N PHE C 73 1.38 22.98 8.19
CA PHE C 73 2.37 23.77 8.89
C PHE C 73 1.64 24.87 9.63
N PHE C 74 2.08 25.16 10.85
CA PHE C 74 1.38 26.20 11.61
C PHE C 74 2.33 26.87 12.60
N THR C 75 2.01 28.12 12.90
CA THR C 75 2.68 28.87 13.95
C THR C 75 1.71 29.04 15.09
N PRO C 76 1.93 28.38 16.23
CA PRO C 76 1.02 28.53 17.35
C PRO C 76 1.26 29.87 18.04
N SER C 77 0.19 30.46 18.54
CA SER C 77 0.33 31.58 19.44
C SER C 77 0.75 31.08 20.83
N ALA C 78 1.11 32.03 21.70
CA ALA C 78 1.61 31.66 23.02
C ALA C 78 0.59 30.86 23.81
N SER C 79 -0.68 30.97 23.49
CA SER C 79 -1.73 30.29 24.23
C SER C 79 -2.04 28.89 23.71
N HIS C 80 -1.44 28.47 22.62
CA HIS C 80 -1.71 27.18 22.03
C HIS C 80 -0.96 26.06 22.77
N PRO C 81 -1.58 24.88 22.91
CA PRO C 81 -0.90 23.79 23.64
C PRO C 81 0.40 23.34 22.99
N ALA C 82 0.60 23.58 21.70
CA ALA C 82 1.83 23.18 21.03
C ALA C 82 2.98 24.17 21.24
N TYR C 83 2.69 25.36 21.76
CA TYR C 83 3.71 26.40 21.89
C TYR C 83 4.86 26.00 22.82
N VAL C 84 6.09 26.24 22.34
CA VAL C 84 7.34 26.00 23.05
C VAL C 84 7.93 27.36 23.35
N ASN C 85 8.24 27.65 24.61
CA ASN C 85 8.83 28.96 24.89
C ASN C 85 10.31 28.96 24.56
N THR C 114 -6.05 28.37 30.95
CA THR C 114 -6.03 28.86 29.57
C THR C 114 -6.99 28.03 28.74
N PRO C 115 -7.91 28.67 28.00
CA PRO C 115 -8.87 27.86 27.22
C PRO C 115 -8.21 27.17 26.04
N LEU C 116 -8.66 25.94 25.79
CA LEU C 116 -8.20 25.17 24.65
C LEU C 116 -8.68 25.72 23.32
N PRO C 117 -7.99 25.40 22.23
CA PRO C 117 -8.44 25.81 20.89
C PRO C 117 -9.88 25.37 20.65
N ASN C 118 -10.68 26.27 20.07
CA ASN C 118 -12.08 25.96 19.82
C ASN C 118 -12.52 26.61 18.50
N ASP C 119 -13.82 26.48 18.21
CA ASP C 119 -14.31 26.94 16.92
C ASP C 119 -14.37 28.47 16.84
N GLU C 120 -14.13 29.18 17.95
CA GLU C 120 -14.09 30.63 17.95
C GLU C 120 -12.67 31.19 17.94
N ALA C 121 -11.77 30.62 18.74
CA ALA C 121 -10.38 31.04 18.84
C ALA C 121 -9.48 29.81 18.77
N SER C 122 -8.73 29.69 17.69
CA SER C 122 -7.86 28.54 17.48
C SER C 122 -6.50 28.64 18.18
N HIS C 123 -6.07 29.85 18.57
CA HIS C 123 -4.72 30.06 19.08
C HIS C 123 -3.65 29.68 18.06
N VAL C 124 -4.01 29.65 16.78
CA VAL C 124 -3.08 29.43 15.68
C VAL C 124 -2.92 30.78 14.99
N ALA C 125 -1.69 31.27 14.91
CA ALA C 125 -1.43 32.58 14.30
C ALA C 125 -1.50 32.51 12.79
N SER C 126 -0.97 31.44 12.19
CA SER C 126 -1.02 31.27 10.76
C SER C 126 -0.81 29.80 10.47
N PHE C 127 -1.25 29.37 9.30
CA PHE C 127 -1.12 27.98 8.91
C PHE C 127 -1.01 27.90 7.39
N GLN C 128 -0.54 26.75 6.93
CA GLN C 128 -0.36 26.48 5.52
C GLN C 128 -0.74 25.02 5.35
N LEU C 129 -1.81 24.73 4.60
CA LEU C 129 -2.20 23.36 4.33
C LEU C 129 -1.53 22.89 3.05
N VAL C 130 -0.88 21.74 3.09
CA VAL C 130 -0.36 21.08 1.91
C VAL C 130 -1.14 19.78 1.74
N THR C 131 -1.93 19.67 0.68
CA THR C 131 -2.74 18.46 0.48
C THR C 131 -1.85 17.30 0.02
N TRP C 132 -2.41 16.08 0.07
CA TRP C 132 -1.67 14.90 -0.38
C TRP C 132 -1.13 15.09 -1.79
N LYS C 133 -1.98 15.54 -2.69
CA LYS C 133 -1.61 15.69 -4.08
C LYS C 133 -0.55 16.79 -4.31
N ASP C 134 -0.45 17.76 -3.42
CA ASP C 134 0.48 18.87 -3.59
C ASP C 134 1.81 18.64 -2.87
N GLY C 135 2.09 17.43 -2.39
CA GLY C 135 3.40 17.13 -1.85
C GLY C 135 3.39 16.38 -0.53
N ALA C 136 2.28 16.43 0.20
CA ALA C 136 2.24 15.78 1.50
C ALA C 136 2.31 14.26 1.38
N LEU C 137 1.77 13.68 0.31
CA LEU C 137 1.83 12.23 0.17
C LEU C 137 3.25 11.80 -0.17
N SER C 138 3.94 12.59 -1.00
CA SER C 138 5.34 12.33 -1.28
C SER C 138 6.15 12.31 0.00
N ILE C 139 5.92 13.29 0.88
CA ILE C 139 6.62 13.32 2.17
C ILE C 139 6.29 12.07 2.98
N LEU C 140 5.00 11.74 3.07
CA LEU C 140 4.60 10.59 3.89
C LEU C 140 5.18 9.32 3.31
N ASN C 141 5.21 9.19 1.98
CA ASN C 141 5.78 8.00 1.35
C ASN C 141 7.26 7.85 1.71
N ASP C 142 8.03 8.95 1.68
CA ASP C 142 9.43 8.86 2.03
C ASP C 142 9.61 8.45 3.50
N LEU C 143 8.79 9.02 4.38
CA LEU C 143 8.88 8.67 5.80
C LEU C 143 8.47 7.22 6.03
N SER C 144 7.38 6.80 5.39
CA SER C 144 6.84 5.47 5.59
C SER C 144 7.81 4.42 5.06
N LYS C 145 8.36 4.65 3.87
CA LYS C 145 9.33 3.72 3.32
C LYS C 145 10.48 3.48 4.29
N CYS C 146 10.97 4.55 4.93
CA CYS C 146 12.05 4.43 5.89
C CYS C 146 11.62 3.64 7.13
N ALA C 147 10.44 3.93 7.68
CA ALA C 147 9.97 3.21 8.86
C ALA C 147 9.73 1.74 8.58
N ILE C 148 9.13 1.44 7.42
CA ILE C 148 8.91 0.03 7.07
C ILE C 148 10.25 -0.66 6.83
N SER C 149 11.21 0.06 6.23
CA SER C 149 12.56 -0.48 6.06
C SER C 149 13.20 -0.79 7.41
N PHE C 150 13.01 0.09 8.39
CA PHE C 150 13.51 -0.19 9.72
C PHE C 150 12.91 -1.48 10.27
N ILE C 151 11.58 -1.62 10.17
CA ILE C 151 10.90 -2.80 10.70
C ILE C 151 11.44 -4.07 10.03
N ASN C 152 11.64 -4.04 8.72
CA ASN C 152 12.15 -5.19 7.99
C ASN C 152 13.61 -5.47 8.34
N GLN C 153 14.41 -4.41 8.46
CA GLN C 153 15.80 -4.58 8.88
C GLN C 153 15.88 -5.27 10.24
N CYS C 154 15.00 -4.90 11.17
CA CYS C 154 15.01 -5.57 12.47
C CYS C 154 14.79 -7.07 12.36
N GLU C 155 13.94 -7.51 11.41
CA GLU C 155 13.75 -8.93 11.17
C GLU C 155 15.04 -9.55 10.65
N ASP C 156 15.67 -8.92 9.66
CA ASP C 156 16.91 -9.45 9.09
C ASP C 156 18.01 -9.51 10.13
N THR C 157 18.12 -8.49 10.99
CA THR C 157 19.26 -8.43 11.89
C THR C 157 19.06 -9.31 13.11
N PHE C 158 17.84 -9.35 13.66
CA PHE C 158 17.61 -10.00 14.93
C PHE C 158 16.81 -11.29 14.85
N LYS C 159 16.15 -11.58 13.73
CA LYS C 159 15.22 -12.70 13.65
C LYS C 159 15.55 -13.70 12.55
N SER C 160 16.75 -13.65 11.97
CA SER C 160 17.07 -14.51 10.84
C SER C 160 18.24 -15.46 11.13
N GLY C 161 18.69 -15.52 12.38
CA GLY C 161 19.80 -16.36 12.78
C GLY C 161 21.16 -15.97 12.24
N THR C 162 21.29 -14.75 11.73
CA THR C 162 22.55 -14.30 11.14
C THR C 162 23.55 -13.95 12.24
N ASN C 163 24.81 -14.33 12.04
CA ASN C 163 25.83 -13.96 13.00
C ASN C 163 25.95 -12.44 13.12
N LEU C 164 26.11 -11.95 14.36
CA LEU C 164 26.28 -10.53 14.63
C LEU C 164 27.45 -10.35 15.60
N ASN C 165 28.15 -9.23 15.43
CA ASN C 165 29.18 -8.76 16.36
C ASN C 165 28.55 -8.36 17.69
N LYS C 166 29.14 -8.84 18.79
CA LYS C 166 28.55 -8.57 20.11
C LYS C 166 28.46 -7.07 20.35
N GLU C 167 29.49 -6.32 19.96
CA GLU C 167 29.45 -4.87 20.18
C GLU C 167 28.30 -4.23 19.42
N MET C 168 28.13 -4.60 18.15
CA MET C 168 27.02 -4.05 17.37
C MET C 168 25.66 -4.44 17.95
N TYR C 169 25.51 -5.68 18.39
CA TYR C 169 24.26 -6.11 19.01
C TYR C 169 23.93 -5.23 20.21
N ASN C 170 24.90 -5.07 21.11
CA ASN C 170 24.66 -4.30 22.33
C ASN C 170 24.48 -2.82 22.03
N ARG C 171 25.18 -2.29 21.02
CA ARG C 171 24.93 -0.90 20.61
C ARG C 171 23.47 -0.71 20.26
N CYS C 172 22.87 -1.68 19.58
CA CYS C 172 21.47 -1.56 19.19
C CYS C 172 20.54 -1.70 20.39
N ILE C 173 20.70 -2.77 21.17
CA ILE C 173 19.69 -3.03 22.19
C ILE C 173 19.89 -2.20 23.46
N THR C 174 20.99 -1.46 23.58
CA THR C 174 21.13 -0.49 24.67
C THR C 174 20.91 0.94 24.21
N ALA C 175 20.61 1.15 22.93
CA ALA C 175 20.51 2.50 22.39
C ALA C 175 19.37 3.27 23.03
N GLU C 176 19.55 4.59 23.12
CA GLU C 176 18.45 5.46 23.49
C GLU C 176 17.40 5.45 22.38
N SER C 177 16.12 5.53 22.76
CA SER C 177 15.03 5.36 21.78
C SER C 177 13.87 6.34 21.99
N ARG C 178 14.03 7.36 22.83
CA ARG C 178 12.89 8.27 23.13
C ARG C 178 12.61 9.12 21.89
N ASP C 179 13.65 9.70 21.29
CA ASP C 179 13.49 10.54 20.08
C ASP C 179 13.02 9.66 18.93
N PHE C 180 13.53 8.44 18.82
CA PHE C 180 13.16 7.51 17.72
C PHE C 180 11.67 7.20 17.82
N CYS C 181 11.17 6.93 19.02
CA CYS C 181 9.75 6.63 19.22
C CYS C 181 8.87 7.80 18.79
N ASN C 182 9.32 9.03 19.07
CA ASN C 182 8.53 10.18 18.62
C ASN C 182 8.52 10.33 17.12
N GLN C 183 9.66 10.04 16.47
CA GLN C 183 9.67 10.06 15.01
C GLN C 183 8.71 9.04 14.43
N MET C 184 8.72 7.83 14.97
CA MET C 184 7.85 6.79 14.44
C MET C 184 6.38 7.09 14.69
N LYS C 185 6.09 7.70 15.84
CA LYS C 185 4.73 8.14 16.15
C LYS C 185 4.20 9.11 15.10
N PHE C 186 5.05 10.05 14.69
CA PHE C 186 4.66 11.01 13.67
C PHE C 186 4.38 10.33 12.35
N VAL C 187 5.24 9.41 11.93
CA VAL C 187 4.98 8.67 10.70
C VAL C 187 3.68 7.89 10.82
N LEU C 188 3.46 7.25 11.96
CA LEU C 188 2.23 6.49 12.17
C LEU C 188 1.00 7.36 11.99
N ILE C 189 0.97 8.54 12.61
CA ILE C 189 -0.22 9.37 12.57
C ILE C 189 -0.46 9.86 11.15
N GLY C 190 0.61 10.12 10.39
CA GLY C 190 0.42 10.44 8.99
C GLY C 190 -0.17 9.28 8.21
N ARG C 191 0.30 8.07 8.49
CA ARG C 191 -0.27 6.89 7.84
C ARG C 191 -1.75 6.75 8.14
N LEU C 192 -2.15 7.03 9.40
CA LEU C 192 -3.55 6.91 9.76
C LEU C 192 -4.39 8.00 9.11
N CYS C 193 -3.91 9.25 9.14
CA CYS C 193 -4.65 10.35 8.52
C CYS C 193 -4.86 10.10 7.03
N TYR C 194 -3.83 9.61 6.36
CA TYR C 194 -3.92 9.39 4.93
C TYR C 194 -4.79 8.20 4.58
N GLY C 195 -4.56 7.07 5.23
CA GLY C 195 -5.13 5.83 4.72
C GLY C 195 -5.40 4.81 5.79
N GLN C 196 -5.92 5.26 6.94
CA GLN C 196 -6.29 4.30 7.98
C GLN C 196 -7.11 3.15 7.41
N THR C 197 -8.09 3.43 6.55
CA THR C 197 -8.99 2.39 6.10
C THR C 197 -8.50 1.68 4.84
N THR C 198 -7.69 2.33 4.01
CA THR C 198 -7.30 1.74 2.74
C THR C 198 -5.89 1.18 2.75
N SER C 199 -4.99 1.78 3.53
CA SER C 199 -3.61 1.30 3.63
C SER C 199 -3.16 1.40 5.08
N PRO C 200 -3.78 0.64 5.97
CA PRO C 200 -3.51 0.81 7.40
C PRO C 200 -2.05 0.52 7.68
N PRO C 201 -1.44 1.28 8.57
CA PRO C 201 -0.05 0.99 8.94
C PRO C 201 0.02 -0.37 9.63
N PRO C 202 1.16 -1.04 9.58
CA PRO C 202 1.28 -2.32 10.27
C PRO C 202 1.37 -2.13 11.78
N ILE C 203 1.02 -3.22 12.49
CA ILE C 203 1.01 -3.18 13.96
C ILE C 203 2.39 -2.84 14.50
N GLN C 204 3.45 -3.23 13.78
CA GLN C 204 4.81 -2.94 14.20
C GLN C 204 5.09 -1.46 14.25
N LEU C 205 4.29 -0.65 13.54
CA LEU C 205 4.35 0.79 13.62
C LEU C 205 3.26 1.36 14.52
N TYR C 206 2.06 0.77 14.52
CA TYR C 206 0.99 1.25 15.37
C TYR C 206 1.40 1.26 16.84
N GLN C 207 2.24 0.32 17.26
CA GLN C 207 2.56 0.22 18.68
C GLN C 207 3.20 1.50 19.21
N TYR C 208 3.90 2.25 18.37
CA TYR C 208 4.50 3.48 18.87
C TYR C 208 3.46 4.52 19.22
N GLY C 209 2.25 4.44 18.66
CA GLY C 209 1.24 5.42 18.98
C GLY C 209 0.46 5.14 20.24
N VAL C 210 0.56 3.93 20.80
CA VAL C 210 -0.24 3.55 21.97
C VAL C 210 0.63 3.18 23.16
N THR C 211 1.92 3.48 23.09
CA THR C 211 2.82 3.25 24.20
C THR C 211 3.61 4.55 24.42
N PRO C 212 3.74 5.05 25.66
CA PRO C 212 4.49 6.28 25.88
C PRO C 212 5.89 6.18 25.30
N PHE C 213 6.55 5.04 25.48
CA PHE C 213 7.95 4.84 25.01
C PHE C 213 8.24 3.36 24.89
N ILE C 214 9.07 2.95 23.92
CA ILE C 214 9.50 1.53 23.77
C ILE C 214 11.02 1.50 23.85
N SER C 215 11.58 0.76 24.81
CA SER C 215 13.06 0.63 24.96
C SER C 215 13.63 -0.01 23.68
N ALA C 216 14.88 0.28 23.34
CA ALA C 216 15.53 -0.22 22.11
C ALA C 216 15.56 -1.75 22.07
N ASP C 217 15.68 -2.44 23.21
CA ASP C 217 15.76 -3.91 23.20
C ASP C 217 14.41 -4.52 22.84
N ILE C 218 13.31 -3.90 23.27
CA ILE C 218 11.99 -4.37 22.88
C ILE C 218 11.70 -4.04 21.43
N ILE C 219 12.10 -2.85 20.98
CA ILE C 219 11.92 -2.50 19.58
C ILE C 219 12.59 -3.54 18.70
N CYS C 220 13.83 -3.87 19.03
CA CYS C 220 14.63 -4.71 18.15
C CYS C 220 14.17 -6.17 18.18
N GLU C 221 13.83 -6.69 19.36
CA GLU C 221 13.59 -8.12 19.50
C GLU C 221 12.25 -8.52 20.11
N GLY C 222 11.48 -7.59 20.67
CA GLY C 222 10.21 -7.88 21.28
C GLY C 222 9.11 -7.02 20.68
N ALA C 223 8.12 -6.72 21.51
CA ALA C 223 7.02 -5.89 21.05
C ALA C 223 6.20 -5.42 22.24
N ALA C 224 5.47 -4.32 22.03
CA ALA C 224 4.50 -3.83 23.00
C ALA C 224 3.14 -4.48 22.81
N TYR C 225 3.08 -5.57 22.05
CA TYR C 225 1.85 -6.34 21.80
C TYR C 225 2.24 -7.81 21.83
N ARG C 226 1.23 -8.69 21.82
CA ARG C 226 1.44 -10.12 21.70
C ARG C 226 0.62 -10.66 20.52
N SER C 227 0.71 -11.97 20.31
CA SER C 227 0.23 -12.56 19.06
C SER C 227 -1.26 -12.30 18.85
N ILE C 228 -2.07 -12.40 19.91
CA ILE C 228 -3.49 -12.17 19.69
C ILE C 228 -3.74 -10.77 19.15
N ASP C 229 -2.93 -9.80 19.58
CA ASP C 229 -3.15 -8.44 19.09
C ASP C 229 -2.88 -8.34 17.60
N VAL C 230 -1.94 -9.15 17.13
CA VAL C 230 -1.57 -9.17 15.72
C VAL C 230 -2.74 -9.62 14.88
N GLU C 231 -3.39 -10.70 15.31
CA GLU C 231 -4.53 -11.21 14.56
C GLU C 231 -5.72 -10.25 14.63
N ASN C 232 -5.99 -9.69 15.80
CA ASN C 232 -7.04 -8.71 15.98
C ASN C 232 -6.83 -7.46 15.14
N TYR C 233 -5.60 -6.96 15.10
CA TYR C 233 -5.34 -5.68 14.46
C TYR C 233 -5.67 -5.70 12.98
N ALA C 234 -5.39 -6.81 12.30
CA ALA C 234 -5.71 -6.88 10.89
C ALA C 234 -7.18 -6.61 10.64
N MET C 235 -8.05 -7.09 11.54
CA MET C 235 -9.49 -6.89 11.46
C MET C 235 -9.99 -5.58 12.08
N ASN C 236 -9.38 -5.09 13.15
CA ASN C 236 -9.98 -3.95 13.89
C ASN C 236 -9.31 -2.61 13.57
N SER C 237 -8.40 -2.54 12.59
CA SER C 237 -7.65 -1.31 12.38
C SER C 237 -8.55 -0.16 11.94
N ASN C 238 -9.68 -0.46 11.34
CA ASN C 238 -10.59 0.61 10.92
C ASN C 238 -11.37 1.28 12.04
N HIS C 239 -11.20 0.92 13.31
CA HIS C 239 -12.05 1.42 14.39
C HIS C 239 -11.25 1.90 15.59
N LEU C 240 -9.94 1.99 15.46
CA LEU C 240 -9.06 2.27 16.58
C LEU C 240 -8.77 3.75 16.75
N VAL C 241 -9.19 4.59 15.82
CA VAL C 241 -8.76 5.99 15.77
C VAL C 241 -9.96 6.91 15.96
N SER C 242 -9.80 7.89 16.85
CA SER C 242 -10.72 8.99 17.01
C SER C 242 -10.08 10.27 16.46
N TYR C 243 -10.84 11.00 15.64
CA TYR C 243 -10.39 12.24 15.03
C TYR C 243 -11.13 13.43 15.64
N ALA C 244 -10.50 14.60 15.57
CA ALA C 244 -11.12 15.83 16.02
C ALA C 244 -10.52 16.98 15.21
N PRO C 245 -11.17 18.15 15.20
CA PRO C 245 -10.63 19.25 14.39
C PRO C 245 -9.28 19.73 14.90
N PHE C 246 -8.38 20.03 13.96
CA PHE C 246 -7.24 20.89 14.24
C PHE C 246 -7.69 22.32 13.91
N PHE C 247 -8.07 23.07 14.95
CA PHE C 247 -8.64 24.40 14.71
C PHE C 247 -7.56 25.35 14.20
N VAL C 248 -7.88 26.06 13.13
CA VAL C 248 -7.07 27.13 12.58
C VAL C 248 -7.99 28.29 12.24
N PRO C 249 -7.46 29.50 12.08
CA PRO C 249 -8.38 30.62 11.84
C PRO C 249 -8.97 30.47 10.45
N ASN C 250 -10.26 30.78 10.33
CA ASN C 250 -10.86 31.00 9.03
C ASN C 250 -10.50 32.34 8.42
N ASP C 251 -10.14 32.31 7.14
CA ASP C 251 -9.65 33.52 6.49
C ASP C 251 -10.80 34.39 6.00
N THR C 252 -11.93 33.77 5.63
CA THR C 252 -13.08 34.49 5.08
C THR C 252 -14.31 34.66 5.94
N LYS C 253 -14.33 34.09 7.13
CA LYS C 253 -15.50 33.99 8.00
C LYS C 253 -15.01 34.32 9.40
N PRO C 254 -15.89 34.75 10.31
CA PRO C 254 -15.46 34.81 11.71
C PRO C 254 -15.22 33.39 12.20
N GLY C 255 -14.48 33.25 13.28
CA GLY C 255 -14.31 31.90 13.83
C GLY C 255 -13.21 31.09 13.18
N SER C 256 -13.22 29.80 13.53
CA SER C 256 -12.16 28.88 13.13
C SER C 256 -12.68 27.93 12.06
N ARG C 257 -11.78 27.53 11.18
CA ARG C 257 -12.09 26.37 10.37
C ARG C 257 -12.12 25.12 11.23
N ILE C 258 -13.11 24.27 10.98
CA ILE C 258 -13.40 23.10 11.79
C ILE C 258 -13.33 21.84 10.96
N ASP C 259 -12.88 21.95 9.70
CA ASP C 259 -12.96 20.83 8.77
C ASP C 259 -11.64 20.08 8.59
N LEU C 260 -10.53 20.55 9.15
CA LEU C 260 -9.26 19.83 9.12
C LEU C 260 -9.20 18.90 10.33
N LEU C 261 -9.19 17.61 10.06
CA LEU C 261 -9.34 16.61 11.12
C LEU C 261 -8.00 15.94 11.42
N MET C 262 -7.62 15.99 12.69
CA MET C 262 -6.38 15.42 13.16
C MET C 262 -6.70 14.22 14.06
N VAL C 263 -5.70 13.37 14.28
CA VAL C 263 -5.84 12.28 15.23
C VAL C 263 -5.98 12.84 16.63
N ASN C 264 -7.01 12.40 17.34
CA ASN C 264 -7.22 12.83 18.72
C ASN C 264 -6.94 11.74 19.74
N HIS C 265 -7.35 10.50 19.44
CA HIS C 265 -7.08 9.37 20.33
C HIS C 265 -6.71 8.14 19.51
N LEU C 266 -5.79 7.31 20.02
CA LEU C 266 -5.50 6.01 19.42
C LEU C 266 -5.80 4.95 20.47
N LYS C 267 -6.61 3.95 20.10
CA LYS C 267 -7.05 2.93 21.04
C LYS C 267 -5.90 1.96 21.35
N LYS C 268 -5.69 1.69 22.63
CA LYS C 268 -4.63 0.79 23.03
C LYS C 268 -5.02 -0.66 22.73
N PHE C 269 -4.04 -1.55 22.85
CA PHE C 269 -4.29 -2.93 22.47
C PHE C 269 -5.29 -3.61 23.38
N ASN C 270 -5.44 -3.14 24.63
CA ASN C 270 -6.46 -3.73 25.51
C ASN C 270 -7.88 -3.36 25.08
N LEU C 271 -8.03 -2.37 24.20
CA LEU C 271 -9.29 -1.92 23.60
C LEU C 271 -10.20 -1.19 24.57
N ILE C 272 -9.69 -0.86 25.75
CA ILE C 272 -10.43 -0.11 26.76
C ILE C 272 -9.95 1.32 26.83
N PHE C 273 -8.64 1.53 26.92
CA PHE C 273 -8.09 2.85 27.12
C PHE C 273 -7.47 3.33 25.81
N ASP C 274 -7.24 4.64 25.75
CA ASP C 274 -6.75 5.29 24.54
C ASP C 274 -5.53 6.13 24.91
N THR C 275 -4.68 6.39 23.92
CA THR C 275 -3.63 7.39 24.04
C THR C 275 -4.15 8.67 23.42
N TRP C 276 -4.05 9.77 24.15
CA TRP C 276 -4.59 11.07 23.76
C TRP C 276 -3.51 11.91 23.11
N TYR C 277 -3.86 12.55 21.99
CA TYR C 277 -2.95 13.43 21.26
C TYR C 277 -3.55 14.84 21.31
N LYS C 278 -3.08 15.63 22.29
CA LYS C 278 -3.64 16.95 22.51
C LYS C 278 -3.50 17.85 21.29
N THR C 279 -2.44 17.68 20.49
CA THR C 279 -2.26 18.49 19.29
C THR C 279 -2.09 17.61 18.05
N GLY C 280 -2.75 16.46 18.04
CA GLY C 280 -2.77 15.62 16.86
C GLY C 280 -1.43 15.02 16.50
N GLY C 281 -0.51 14.93 17.46
CA GLY C 281 0.82 14.42 17.17
C GLY C 281 1.71 15.41 16.44
N SER C 282 1.44 16.71 16.60
CA SER C 282 2.23 17.73 15.95
C SER C 282 3.67 17.70 16.45
N VAL C 283 4.59 18.13 15.58
CA VAL C 283 6.00 18.21 15.89
C VAL C 283 6.52 19.57 15.45
N MET C 284 7.59 20.02 16.11
CA MET C 284 8.21 21.29 15.79
C MET C 284 9.17 21.13 14.61
N VAL C 285 9.10 22.07 13.69
CA VAL C 285 10.00 22.06 12.54
C VAL C 285 11.20 22.97 12.78
N SER C 286 10.95 24.15 13.35
CA SER C 286 12.00 25.12 13.57
C SER C 286 11.53 26.09 14.64
N SER C 287 12.50 26.68 15.35
CA SER C 287 12.21 27.56 16.47
C SER C 287 12.51 29.03 16.21
N ARG C 288 13.41 29.34 15.27
CA ARG C 288 13.79 30.72 15.02
C ARG C 288 14.35 30.85 13.61
N MET D 4 -5.21 -9.95 39.43
CA MET D 4 -3.85 -9.38 39.35
C MET D 4 -3.40 -8.72 40.65
N GLU D 5 -4.34 -8.36 41.53
CA GLU D 5 -3.87 -7.76 42.77
C GLU D 5 -3.22 -8.80 43.66
N ALA D 6 -3.36 -10.09 43.34
CA ALA D 6 -2.61 -11.13 44.02
C ALA D 6 -1.12 -11.08 43.68
N PHE D 7 -0.75 -10.42 42.57
CA PHE D 7 0.63 -10.41 42.11
C PHE D 7 1.26 -9.03 42.28
N LEU D 8 0.65 -8.18 43.11
CA LEU D 8 1.12 -6.83 43.40
C LEU D 8 1.35 -6.73 44.90
N LEU D 9 2.44 -6.10 45.27
CA LEU D 9 2.70 -5.78 46.66
C LEU D 9 2.89 -4.28 46.73
N GLU D 10 2.58 -3.69 47.88
CA GLU D 10 2.84 -2.27 48.08
C GLU D 10 4.33 -1.98 47.98
N ASN D 11 4.66 -0.89 47.32
CA ASN D 11 6.05 -0.51 47.07
C ASN D 11 6.59 0.33 48.22
N LYS D 26 9.17 10.10 40.37
CA LYS D 26 7.83 9.52 40.30
C LYS D 26 7.89 8.01 40.51
N PRO D 27 8.23 7.58 41.72
CA PRO D 27 8.39 6.14 41.98
C PRO D 27 7.08 5.39 41.79
N ALA D 28 7.20 4.13 41.35
CA ALA D 28 5.99 3.31 41.18
C ALA D 28 5.35 3.06 42.54
N THR D 29 4.01 2.99 42.54
CA THR D 29 3.31 2.70 43.78
C THR D 29 3.39 1.23 44.20
N HIS D 30 3.55 0.31 43.23
CA HIS D 30 3.50 -1.12 43.49
C HIS D 30 4.65 -1.81 42.76
N ARG D 31 4.88 -3.08 43.14
CA ARG D 31 5.87 -3.92 42.48
C ARG D 31 5.24 -5.27 42.20
N LEU D 32 5.60 -5.87 41.06
CA LEU D 32 5.18 -7.23 40.78
C LEU D 32 5.86 -8.22 41.72
N ASN D 33 5.15 -9.31 42.02
CA ASN D 33 5.66 -10.32 42.93
C ASN D 33 5.00 -11.66 42.66
N LEU D 34 5.78 -12.73 42.77
CA LEU D 34 5.26 -14.09 42.68
C LEU D 34 5.05 -14.64 44.08
N PRO D 35 3.80 -14.76 44.55
CA PRO D 35 3.60 -15.09 45.97
C PRO D 35 4.19 -16.42 46.41
N ALA D 36 4.24 -17.43 45.54
CA ALA D 36 4.83 -18.70 45.97
C ALA D 36 6.32 -18.57 46.27
N TYR D 37 7.03 -17.66 45.58
CA TYR D 37 8.45 -17.46 45.85
C TYR D 37 8.68 -16.81 47.21
N THR D 38 8.00 -15.70 47.49
CA THR D 38 8.14 -15.05 48.79
C THR D 38 7.83 -15.99 49.93
N LYS D 39 6.72 -16.75 49.81
CA LYS D 39 6.32 -17.66 50.88
C LYS D 39 7.39 -18.72 51.13
N LEU D 40 7.94 -19.29 50.05
CA LEU D 40 9.01 -20.28 50.19
C LEU D 40 10.22 -19.68 50.90
N ILE D 41 10.67 -18.50 50.46
CA ILE D 41 11.86 -17.89 51.06
C ILE D 41 11.63 -17.66 52.55
N HIS D 42 10.46 -17.14 52.92
CA HIS D 42 10.19 -16.87 54.32
C HIS D 42 10.27 -18.18 55.11
N GLU D 43 9.69 -19.24 54.55
CA GLU D 43 9.67 -20.54 55.22
C GLU D 43 11.09 -21.10 55.33
N LEU D 44 11.88 -20.94 54.28
CA LEU D 44 13.27 -21.40 54.30
C LEU D 44 14.09 -20.62 55.32
N ARG D 45 13.88 -19.30 55.38
CA ARG D 45 14.63 -18.46 56.32
C ARG D 45 14.33 -18.86 57.76
N THR D 46 13.07 -19.13 58.07
CA THR D 46 12.66 -19.40 59.43
C THR D 46 12.64 -20.90 59.75
N LYS D 47 13.07 -21.75 58.80
CA LYS D 47 13.10 -23.19 59.03
C LYS D 47 11.71 -23.71 59.34
N THR D 48 10.72 -23.22 58.58
CA THR D 48 9.33 -23.62 58.71
C THR D 48 8.75 -24.21 57.42
N HIS D 49 9.59 -24.59 56.47
CA HIS D 49 9.08 -25.28 55.29
C HIS D 49 8.66 -26.70 55.65
N ALA D 50 7.54 -27.13 55.07
CA ALA D 50 6.93 -28.40 55.46
C ALA D 50 7.64 -29.62 54.87
N LYS D 51 7.60 -29.78 53.54
CA LYS D 51 8.11 -31.01 52.94
C LYS D 51 9.62 -31.15 53.07
N VAL D 52 10.36 -30.05 53.09
CA VAL D 52 11.81 -30.05 53.02
C VAL D 52 12.36 -29.27 54.20
N THR D 53 13.41 -29.79 54.85
CA THR D 53 14.06 -29.08 55.94
C THR D 53 15.53 -28.94 55.59
N ILE D 54 16.00 -27.69 55.53
CA ILE D 54 17.41 -27.39 55.28
C ILE D 54 18.25 -27.75 56.50
N SER D 55 19.31 -28.53 56.27
CA SER D 55 20.20 -28.99 57.33
C SER D 55 21.50 -28.20 57.27
N LEU D 56 21.38 -26.91 57.55
CA LEU D 56 22.55 -26.03 57.58
C LEU D 56 22.14 -24.67 58.11
N SER D 57 23.12 -23.96 58.69
CA SER D 57 22.92 -22.62 59.24
C SER D 57 23.99 -21.71 58.66
N THR D 58 23.90 -20.44 59.01
CA THR D 58 24.82 -19.40 58.58
C THR D 58 26.02 -19.85 57.76
N GLN D 61 26.18 -16.63 54.91
CA GLN D 61 25.62 -16.27 53.57
C GLN D 61 25.15 -17.56 52.87
N ILE D 62 23.87 -17.66 52.55
CA ILE D 62 23.27 -18.89 52.00
C ILE D 62 22.56 -18.58 50.69
N HIS D 63 22.83 -19.38 49.67
CA HIS D 63 22.21 -19.33 48.35
C HIS D 63 21.55 -20.66 48.00
N MET D 64 20.77 -20.68 46.92
CA MET D 64 20.19 -21.93 46.43
C MET D 64 20.19 -21.95 44.90
N VAL D 65 20.33 -23.16 44.33
CA VAL D 65 20.42 -23.33 42.87
C VAL D 65 19.77 -24.64 42.45
N TRP D 66 19.04 -24.60 41.33
CA TRP D 66 18.50 -25.81 40.72
C TRP D 66 19.60 -26.58 40.00
N VAL D 67 19.54 -27.91 40.10
CA VAL D 67 20.35 -28.79 39.27
C VAL D 67 19.44 -29.85 38.68
N LYS D 68 19.96 -30.63 37.74
CA LYS D 68 19.07 -31.60 37.10
C LYS D 68 18.46 -32.58 38.07
N SER D 69 19.10 -32.82 39.21
CA SER D 69 18.62 -33.79 40.17
C SER D 69 17.86 -33.18 41.35
N GLY D 70 17.71 -31.87 41.41
CA GLY D 70 16.93 -31.28 42.48
C GLY D 70 17.40 -29.86 42.81
N LEU D 71 17.47 -29.59 44.12
CA LEU D 71 17.79 -28.27 44.65
C LEU D 71 19.00 -28.36 45.57
N VAL D 72 20.00 -27.51 45.32
CA VAL D 72 21.23 -27.46 46.11
C VAL D 72 21.31 -26.13 46.86
N PHE D 73 21.37 -26.20 48.19
CA PHE D 73 21.72 -25.05 49.03
C PHE D 73 23.24 -24.96 49.20
N PHE D 74 23.78 -23.73 49.19
CA PHE D 74 25.23 -23.62 49.30
C PHE D 74 25.68 -22.31 49.95
N THR D 75 26.86 -22.35 50.60
CA THR D 75 27.51 -21.15 51.12
C THR D 75 28.76 -20.76 50.34
N PRO D 76 28.75 -19.70 49.55
CA PRO D 76 29.95 -19.32 48.79
C PRO D 76 31.02 -18.63 49.62
N SER D 77 32.28 -18.90 49.24
CA SER D 77 33.42 -18.11 49.71
C SER D 77 33.48 -16.78 48.96
N ALA D 78 34.35 -15.88 49.43
CA ALA D 78 34.42 -14.55 48.84
C ALA D 78 34.78 -14.58 47.36
N SER D 79 35.41 -15.65 46.88
CA SER D 79 35.81 -15.74 45.49
C SER D 79 34.72 -16.31 44.60
N HIS D 80 33.59 -16.75 45.17
CA HIS D 80 32.54 -17.35 44.36
C HIS D 80 31.77 -16.23 43.67
N PRO D 81 31.33 -16.42 42.42
CA PRO D 81 30.61 -15.34 41.73
C PRO D 81 29.32 -14.92 42.40
N ALA D 82 28.71 -15.79 43.20
CA ALA D 82 27.47 -15.45 43.86
C ALA D 82 27.65 -14.67 45.14
N TYR D 83 28.90 -14.60 45.64
CA TYR D 83 29.18 -13.95 46.93
C TYR D 83 28.71 -12.51 46.94
N VAL D 84 27.97 -12.09 47.98
CA VAL D 84 27.56 -10.70 48.14
C VAL D 84 28.28 -10.14 49.36
N THR D 114 39.33 -12.97 38.63
CA THR D 114 39.19 -14.13 39.50
C THR D 114 38.66 -15.34 38.73
N PRO D 115 39.32 -16.49 38.82
CA PRO D 115 38.82 -17.65 38.06
C PRO D 115 37.51 -18.18 38.64
N LEU D 116 36.62 -18.62 37.76
CA LEU D 116 35.35 -19.21 38.15
C LEU D 116 35.50 -20.58 38.82
N PRO D 117 34.48 -20.98 39.59
CA PRO D 117 34.51 -22.32 40.21
C PRO D 117 34.79 -23.39 39.17
N ASN D 118 35.66 -24.34 39.53
CA ASN D 118 36.06 -25.40 38.63
C ASN D 118 36.27 -26.67 39.41
N ASP D 119 36.76 -27.69 38.72
CA ASP D 119 36.89 -29.01 39.32
C ASP D 119 38.01 -29.06 40.35
N GLU D 120 38.80 -28.00 40.45
CA GLU D 120 39.86 -27.91 41.45
C GLU D 120 39.47 -27.07 42.66
N ALA D 121 38.83 -25.93 42.44
CA ALA D 121 38.38 -25.07 43.53
C ALA D 121 36.95 -24.63 43.23
N SER D 122 35.99 -25.11 44.04
CA SER D 122 34.61 -24.73 43.81
C SER D 122 34.27 -23.39 44.45
N HIS D 123 35.06 -22.92 45.41
CA HIS D 123 34.73 -21.72 46.20
C HIS D 123 33.40 -21.90 46.93
N VAL D 124 32.95 -23.14 47.11
CA VAL D 124 31.75 -23.46 47.89
C VAL D 124 32.19 -24.10 49.20
N ALA D 125 31.77 -23.53 50.33
CA ALA D 125 32.17 -24.06 51.64
C ALA D 125 31.39 -25.32 52.03
N SER D 126 30.09 -25.38 51.76
CA SER D 126 29.27 -26.54 52.08
C SER D 126 28.01 -26.50 51.22
N PHE D 127 27.37 -27.67 51.08
CA PHE D 127 26.17 -27.78 50.26
C PHE D 127 25.25 -28.88 50.79
N GLN D 128 23.98 -28.83 50.33
CA GLN D 128 22.95 -29.79 50.71
C GLN D 128 22.06 -30.05 49.49
N LEU D 129 22.05 -31.29 49.01
CA LEU D 129 21.19 -31.69 47.89
C LEU D 129 19.84 -32.24 48.35
N VAL D 130 18.77 -31.73 47.74
CA VAL D 130 17.41 -32.25 47.92
C VAL D 130 16.96 -32.82 46.58
N THR D 131 16.75 -34.13 46.50
CA THR D 131 16.38 -34.74 45.24
C THR D 131 14.92 -34.45 44.88
N TRP D 132 14.57 -34.68 43.61
CA TRP D 132 13.19 -34.51 43.18
C TRP D 132 12.23 -35.30 44.08
N LYS D 133 12.54 -36.58 44.29
CA LYS D 133 11.66 -37.45 45.07
C LYS D 133 11.58 -37.03 46.53
N ASP D 134 12.62 -36.38 47.03
CA ASP D 134 12.72 -36.03 48.43
C ASP D 134 12.20 -34.64 48.70
N ALA D 136 12.10 -31.91 46.09
CA ALA D 136 12.39 -30.84 45.13
C ALA D 136 11.27 -30.64 44.11
N LEU D 137 10.54 -31.68 43.76
CA LEU D 137 9.46 -31.49 42.79
C LEU D 137 8.31 -30.73 43.43
N SER D 138 8.03 -31.01 44.71
CA SER D 138 7.02 -30.24 45.42
C SER D 138 7.35 -28.76 45.46
N ILE D 139 8.61 -28.43 45.71
CA ILE D 139 8.97 -27.02 45.72
C ILE D 139 8.72 -26.42 44.34
N LEU D 140 9.20 -27.10 43.28
CA LEU D 140 9.08 -26.60 41.91
C LEU D 140 7.63 -26.49 41.48
N ASN D 141 6.81 -27.48 41.85
CA ASN D 141 5.39 -27.47 41.48
C ASN D 141 4.66 -26.28 42.10
N ASP D 142 4.92 -25.97 43.37
CA ASP D 142 4.25 -24.82 43.95
C ASP D 142 4.67 -23.54 43.23
N LEU D 143 5.95 -23.42 42.91
CA LEU D 143 6.43 -22.25 42.18
C LEU D 143 5.89 -22.22 40.76
N SER D 144 5.92 -23.36 40.07
CA SER D 144 5.49 -23.38 38.66
C SER D 144 4.00 -23.09 38.53
N LYS D 145 3.18 -23.71 39.38
CA LYS D 145 1.74 -23.43 39.33
C LYS D 145 1.45 -21.94 39.44
N CYS D 146 2.15 -21.26 40.35
CA CYS D 146 1.94 -19.82 40.51
C CYS D 146 2.38 -19.05 39.26
N ALA D 147 3.56 -19.38 38.71
CA ALA D 147 4.03 -18.68 37.52
C ALA D 147 3.14 -18.92 36.30
N ILE D 148 2.71 -20.17 36.10
CA ILE D 148 1.79 -20.45 35.00
C ILE D 148 0.46 -19.75 35.24
N SER D 149 0.02 -19.71 36.49
CA SER D 149 -1.18 -18.97 36.83
C SER D 149 -1.03 -17.50 36.50
N PHE D 150 0.14 -16.93 36.79
CA PHE D 150 0.38 -15.53 36.42
C PHE D 150 0.25 -15.32 34.91
N ILE D 151 0.91 -16.16 34.12
CA ILE D 151 0.87 -15.99 32.67
C ILE D 151 -0.57 -16.03 32.18
N ASN D 152 -1.34 -16.98 32.70
CA ASN D 152 -2.74 -17.11 32.29
C ASN D 152 -3.58 -15.93 32.77
N GLN D 153 -3.35 -15.50 34.03
CA GLN D 153 -4.05 -14.34 34.56
C GLN D 153 -3.78 -13.10 33.72
N CYS D 154 -2.53 -12.88 33.29
CA CYS D 154 -2.27 -11.72 32.43
C CYS D 154 -3.05 -11.77 31.13
N GLU D 155 -3.20 -12.97 30.57
CA GLU D 155 -4.01 -13.10 29.37
C GLU D 155 -5.46 -12.75 29.67
N ASP D 156 -5.99 -13.29 30.75
CA ASP D 156 -7.39 -13.01 31.10
C ASP D 156 -7.60 -11.51 31.32
N THR D 157 -6.65 -10.85 31.99
CA THR D 157 -6.86 -9.48 32.43
C THR D 157 -6.64 -8.46 31.31
N PHE D 158 -5.62 -8.67 30.48
CA PHE D 158 -5.23 -7.65 29.52
C PHE D 158 -5.54 -8.00 28.06
N LYS D 159 -5.83 -9.26 27.77
CA LYS D 159 -5.97 -9.74 26.39
C LYS D 159 -7.31 -10.38 26.10
N SER D 160 -8.30 -10.15 26.96
CA SER D 160 -9.60 -10.81 26.87
C SER D 160 -10.70 -9.79 26.60
N GLY D 161 -10.33 -8.56 26.29
CA GLY D 161 -11.34 -7.54 26.07
C GLY D 161 -12.06 -7.16 27.32
N THR D 162 -11.49 -7.50 28.46
CA THR D 162 -12.14 -7.24 29.72
C THR D 162 -12.07 -5.77 30.11
N ASN D 163 -13.19 -5.27 30.62
CA ASN D 163 -13.23 -3.92 31.16
C ASN D 163 -12.22 -3.87 32.29
N LEU D 164 -11.47 -2.79 32.38
CA LEU D 164 -10.53 -2.66 33.48
C LEU D 164 -10.68 -1.30 34.12
N ASN D 165 -10.45 -1.28 35.43
CA ASN D 165 -10.35 -0.04 36.19
C ASN D 165 -9.10 0.74 35.84
N LYS D 166 -9.29 2.03 35.54
CA LYS D 166 -8.15 2.84 35.12
C LYS D 166 -7.08 2.89 36.21
N GLU D 167 -7.47 3.05 37.47
CA GLU D 167 -6.44 3.10 38.51
C GLU D 167 -5.69 1.76 38.58
N MET D 168 -6.43 0.65 38.58
CA MET D 168 -5.79 -0.66 38.61
C MET D 168 -4.91 -0.92 37.38
N TYR D 169 -5.39 -0.52 36.19
CA TYR D 169 -4.58 -0.70 34.97
C TYR D 169 -3.24 0.00 35.12
N ASN D 170 -3.27 1.26 35.53
CA ASN D 170 -2.05 2.04 35.64
C ASN D 170 -1.16 1.55 36.77
N ARG D 171 -1.75 1.07 37.87
CA ARG D 171 -0.94 0.45 38.91
C ARG D 171 -0.16 -0.74 38.36
N CYS D 172 -0.78 -1.52 37.49
CA CYS D 172 -0.09 -2.71 36.95
C CYS D 172 1.03 -2.33 36.00
N ILE D 173 0.75 -1.47 35.01
CA ILE D 173 1.76 -1.25 33.98
C ILE D 173 2.84 -0.27 34.40
N THR D 174 2.72 0.37 35.56
CA THR D 174 3.81 1.17 36.10
C THR D 174 4.55 0.46 37.23
N ALA D 175 4.14 -0.74 37.60
CA ALA D 175 4.72 -1.43 38.74
C ALA D 175 6.19 -1.72 38.48
N GLU D 176 6.98 -1.74 39.55
CA GLU D 176 8.35 -2.23 39.49
C GLU D 176 8.34 -3.73 39.21
N SER D 177 9.35 -4.18 38.47
CA SER D 177 9.37 -5.58 38.01
C SER D 177 10.71 -6.28 38.16
N ARG D 178 11.73 -5.63 38.71
CA ARG D 178 13.07 -6.22 38.71
C ARG D 178 13.10 -7.47 39.58
N ASP D 179 12.54 -7.40 40.79
CA ASP D 179 12.51 -8.56 41.66
C ASP D 179 11.65 -9.67 41.07
N PHE D 180 10.53 -9.33 40.47
CA PHE D 180 9.65 -10.32 39.86
C PHE D 180 10.34 -11.08 38.74
N CYS D 181 11.06 -10.37 37.89
CA CYS D 181 11.79 -11.03 36.81
C CYS D 181 12.79 -12.04 37.36
N ASN D 182 13.45 -11.71 38.47
CA ASN D 182 14.39 -12.66 39.05
C ASN D 182 13.65 -13.86 39.63
N GLN D 183 12.48 -13.64 40.22
CA GLN D 183 11.71 -14.77 40.71
C GLN D 183 11.30 -15.68 39.56
N MET D 184 10.84 -15.09 38.46
CA MET D 184 10.41 -15.88 37.32
C MET D 184 11.59 -16.59 36.68
N LYS D 185 12.77 -15.95 36.64
CA LYS D 185 13.93 -16.65 36.14
C LYS D 185 14.24 -17.92 36.91
N PHE D 186 14.12 -17.84 38.24
CA PHE D 186 14.40 -18.99 39.08
C PHE D 186 13.43 -20.12 38.80
N VAL D 187 12.14 -19.80 38.68
CA VAL D 187 11.14 -20.81 38.34
C VAL D 187 11.44 -21.43 36.98
N LEU D 188 11.80 -20.60 36.00
CA LEU D 188 12.12 -21.10 34.67
C LEU D 188 13.24 -22.13 34.70
N ILE D 189 14.33 -21.80 35.38
CA ILE D 189 15.50 -22.67 35.38
C ILE D 189 15.18 -23.96 36.09
N GLY D 190 14.33 -23.92 37.12
CA GLY D 190 13.89 -25.16 37.73
C GLY D 190 13.10 -26.03 36.77
N ARG D 191 12.22 -25.40 35.98
CA ARG D 191 11.47 -26.15 34.97
C ARG D 191 12.40 -26.79 33.95
N LEU D 192 13.45 -26.07 33.54
CA LEU D 192 14.38 -26.62 32.56
C LEU D 192 15.20 -27.76 33.14
N CYS D 193 15.72 -27.59 34.35
CA CYS D 193 16.52 -28.64 34.97
C CYS D 193 15.73 -29.93 35.14
N TYR D 194 14.47 -29.82 35.57
CA TYR D 194 13.68 -31.03 35.81
C TYR D 194 13.27 -31.68 34.49
N GLY D 195 12.78 -30.89 33.54
CA GLY D 195 12.09 -31.42 32.39
C GLY D 195 12.17 -30.60 31.11
N GLN D 196 13.33 -30.04 30.78
CA GLN D 196 13.48 -29.32 29.52
C GLN D 196 12.93 -30.10 28.34
N THR D 197 13.25 -31.39 28.26
CA THR D 197 12.90 -32.20 27.10
C THR D 197 11.53 -32.85 27.19
N THR D 198 11.04 -33.10 28.41
CA THR D 198 9.79 -33.84 28.57
C THR D 198 8.60 -32.96 28.91
N SER D 199 8.81 -31.86 29.63
CA SER D 199 7.73 -30.93 29.99
C SER D 199 8.25 -29.50 29.89
N PRO D 200 8.60 -29.06 28.69
CA PRO D 200 9.28 -27.77 28.53
C PRO D 200 8.42 -26.61 29.02
N PRO D 201 9.04 -25.63 29.67
CA PRO D 201 8.29 -24.43 30.06
C PRO D 201 7.82 -23.65 28.85
N PRO D 202 6.74 -22.87 28.97
CA PRO D 202 6.29 -22.05 27.84
C PRO D 202 7.20 -20.83 27.60
N ILE D 203 7.14 -20.33 26.37
CA ILE D 203 7.96 -19.19 25.99
C ILE D 203 7.68 -17.98 26.87
N GLN D 204 6.45 -17.86 27.35
CA GLN D 204 6.08 -16.75 28.21
C GLN D 204 6.87 -16.75 29.52
N LEU D 205 7.43 -17.89 29.91
CA LEU D 205 8.33 -17.97 31.04
C LEU D 205 9.78 -17.96 30.60
N TYR D 206 10.09 -18.60 29.47
CA TYR D 206 11.46 -18.61 29.00
C TYR D 206 12.02 -17.22 28.80
N GLN D 207 11.16 -16.26 28.41
CA GLN D 207 11.68 -14.93 28.12
C GLN D 207 12.39 -14.31 29.31
N TYR D 208 12.01 -14.68 30.53
CA TYR D 208 12.70 -14.09 31.67
C TYR D 208 14.13 -14.58 31.78
N GLY D 209 14.44 -15.73 31.20
CA GLY D 209 15.81 -16.22 31.28
C GLY D 209 16.77 -15.66 30.25
N VAL D 210 16.27 -15.01 29.21
CA VAL D 210 17.13 -14.52 28.14
C VAL D 210 17.05 -13.01 27.98
N THR D 211 16.41 -12.31 28.93
CA THR D 211 16.40 -10.87 28.94
C THR D 211 16.81 -10.43 30.34
N PRO D 212 17.71 -9.43 30.50
CA PRO D 212 18.13 -9.02 31.83
C PRO D 212 16.95 -8.48 32.62
N PHE D 213 16.08 -7.69 31.98
CA PHE D 213 14.92 -7.06 32.66
C PHE D 213 13.76 -6.87 31.70
N ILE D 214 12.53 -7.09 32.16
CA ILE D 214 11.31 -6.84 31.34
C ILE D 214 10.39 -5.91 32.14
N SER D 215 10.20 -4.67 31.69
CA SER D 215 9.33 -3.67 32.37
C SER D 215 7.93 -4.27 32.58
N ALA D 216 7.18 -3.78 33.57
CA ALA D 216 5.85 -4.31 33.90
C ALA D 216 4.88 -4.13 32.74
N ASP D 217 5.00 -3.01 32.01
CA ASP D 217 4.05 -2.76 30.93
C ASP D 217 4.24 -3.77 29.82
N ILE D 218 5.48 -4.20 29.55
CA ILE D 218 5.72 -5.24 28.55
C ILE D 218 5.27 -6.60 29.06
N ILE D 219 5.53 -6.89 30.33
CA ILE D 219 5.07 -8.15 30.89
C ILE D 219 3.56 -8.28 30.69
N CYS D 220 2.83 -7.21 31.03
CA CYS D 220 1.38 -7.30 31.05
C CYS D 220 0.79 -7.36 29.65
N GLU D 221 1.32 -6.57 28.72
CA GLU D 221 0.69 -6.43 27.42
C GLU D 221 1.57 -6.72 26.21
N GLY D 222 2.88 -6.86 26.38
CA GLY D 222 3.76 -7.14 25.27
C GLY D 222 4.58 -8.39 25.54
N ALA D 223 5.80 -8.40 25.01
CA ALA D 223 6.68 -9.54 25.20
C ALA D 223 8.09 -9.15 24.79
N ALA D 224 9.06 -9.90 25.28
CA ALA D 224 10.45 -9.77 24.84
C ALA D 224 10.74 -10.63 23.62
N TYR D 225 9.70 -11.13 22.95
CA TYR D 225 9.82 -11.94 21.74
C TYR D 225 8.70 -11.52 20.80
N ARG D 226 8.77 -12.00 19.56
CA ARG D 226 7.71 -11.80 18.57
C ARG D 226 7.28 -13.17 18.06
N SER D 227 6.32 -13.14 17.12
CA SER D 227 5.59 -14.35 16.76
C SER D 227 6.53 -15.43 16.21
N ILE D 228 7.52 -15.04 15.41
CA ILE D 228 8.41 -16.04 14.86
C ILE D 228 9.13 -16.78 15.97
N ASP D 229 9.42 -16.09 17.08
CA ASP D 229 10.13 -16.75 18.18
C ASP D 229 9.26 -17.84 18.80
N VAL D 230 7.94 -17.64 18.74
CA VAL D 230 7.01 -18.61 19.29
C VAL D 230 7.12 -19.92 18.53
N GLU D 231 7.10 -19.84 17.20
CA GLU D 231 7.26 -21.04 16.38
C GLU D 231 8.67 -21.61 16.49
N ASN D 232 9.70 -20.75 16.52
CA ASN D 232 11.05 -21.28 16.69
C ASN D 232 11.14 -22.09 17.97
N TYR D 233 10.57 -21.57 19.05
CA TYR D 233 10.71 -22.17 20.37
C TYR D 233 10.10 -23.56 20.42
N ALA D 234 8.95 -23.77 19.77
CA ALA D 234 8.36 -25.10 19.76
C ALA D 234 9.29 -26.15 19.17
N MET D 235 10.05 -25.78 18.14
CA MET D 235 11.00 -26.69 17.51
C MET D 235 12.37 -26.71 18.18
N ASN D 236 12.81 -25.57 18.70
CA ASN D 236 14.18 -25.41 19.18
C ASN D 236 14.38 -25.74 20.65
N SER D 237 13.30 -25.89 21.41
CA SER D 237 13.40 -25.86 22.87
C SER D 237 14.33 -26.94 23.42
N ASN D 238 14.48 -28.06 22.70
CA ASN D 238 15.39 -29.10 23.17
C ASN D 238 16.85 -28.73 22.97
N HIS D 239 17.16 -27.58 22.37
CA HIS D 239 18.56 -27.21 22.04
C HIS D 239 18.92 -25.83 22.56
N LEU D 240 18.13 -25.25 23.48
CA LEU D 240 18.39 -23.89 23.91
C LEU D 240 19.22 -23.81 25.18
N VAL D 241 19.47 -24.93 25.85
CA VAL D 241 20.04 -24.92 27.19
C VAL D 241 21.39 -25.61 27.13
N SER D 242 22.40 -24.97 27.72
CA SER D 242 23.69 -25.58 27.96
C SER D 242 23.82 -25.83 29.45
N TYR D 243 24.22 -27.02 29.83
CA TYR D 243 24.37 -27.36 31.23
C TYR D 243 25.85 -27.50 31.57
N ALA D 244 26.19 -27.29 32.83
CA ALA D 244 27.54 -27.47 33.32
C ALA D 244 27.46 -27.81 34.80
N PRO D 245 28.53 -28.36 35.38
CA PRO D 245 28.48 -28.72 36.79
C PRO D 245 28.31 -27.49 37.68
N PHE D 246 27.51 -27.63 38.72
CA PHE D 246 27.58 -26.72 39.85
C PHE D 246 28.58 -27.36 40.80
N PHE D 247 29.83 -26.90 40.75
CA PHE D 247 30.88 -27.55 41.51
C PHE D 247 30.70 -27.33 43.01
N VAL D 248 30.79 -28.42 43.78
CA VAL D 248 30.80 -28.35 45.23
C VAL D 248 31.86 -29.29 45.76
N PRO D 249 32.31 -29.08 47.00
CA PRO D 249 33.39 -29.93 47.52
C PRO D 249 32.92 -31.36 47.74
N ASN D 250 33.83 -32.30 47.48
CA ASN D 250 33.63 -33.68 47.91
C ASN D 250 33.75 -33.71 49.43
N ASP D 251 32.85 -34.44 50.09
CA ASP D 251 32.84 -34.38 51.54
C ASP D 251 33.88 -35.27 52.20
N THR D 252 34.23 -36.42 51.61
CA THR D 252 35.21 -37.30 52.24
C THR D 252 36.58 -37.34 51.57
N LYS D 253 36.74 -36.68 50.44
CA LYS D 253 37.90 -36.74 49.56
C LYS D 253 38.17 -35.30 49.16
N PRO D 254 39.40 -34.99 48.75
CA PRO D 254 39.66 -33.68 48.15
C PRO D 254 38.98 -33.49 46.79
N GLY D 255 39.00 -32.26 46.28
CA GLY D 255 38.46 -31.99 44.94
C GLY D 255 37.01 -31.58 45.01
N SER D 256 36.32 -31.59 43.86
CA SER D 256 34.92 -31.12 43.78
C SER D 256 34.02 -32.18 43.15
N ARG D 257 32.82 -32.37 43.71
CA ARG D 257 31.80 -33.25 43.07
C ARG D 257 31.42 -32.55 41.76
N ILE D 258 31.28 -33.28 40.67
CA ILE D 258 31.03 -32.64 39.33
C ILE D 258 29.79 -33.25 38.65
N ASP D 259 28.93 -33.98 39.37
CA ASP D 259 27.79 -34.63 38.75
C ASP D 259 26.47 -33.88 38.93
N LEU D 260 26.46 -32.80 39.71
CA LEU D 260 25.26 -31.99 39.84
C LEU D 260 25.28 -30.93 38.74
N LEU D 261 24.34 -31.01 37.81
CA LEU D 261 24.37 -30.22 36.59
C LEU D 261 23.35 -29.09 36.65
N MET D 262 23.82 -27.87 36.45
CA MET D 262 23.01 -26.66 36.47
C MET D 262 22.92 -26.06 35.08
N VAL D 263 21.92 -25.18 34.92
CA VAL D 263 21.86 -24.39 33.69
C VAL D 263 23.06 -23.45 33.65
N ASN D 264 23.80 -23.47 32.56
CA ASN D 264 24.94 -22.58 32.38
C ASN D 264 24.71 -21.50 31.34
N HIS D 265 24.04 -21.82 30.24
CA HIS D 265 23.71 -20.84 29.23
C HIS D 265 22.31 -21.07 28.72
N LEU D 266 21.59 -19.99 28.44
CA LEU D 266 20.30 -20.06 27.77
C LEU D 266 20.41 -19.28 26.47
N LYS D 267 20.03 -19.90 25.36
CA LYS D 267 20.17 -19.26 24.06
C LYS D 267 19.10 -18.17 23.94
N LYS D 268 19.54 -16.96 23.59
CA LYS D 268 18.61 -15.81 23.42
C LYS D 268 17.73 -16.08 22.19
N PHE D 269 16.72 -15.25 21.95
CA PHE D 269 15.80 -15.46 20.85
C PHE D 269 16.48 -15.21 19.50
N ASN D 270 17.55 -14.41 19.46
CA ASN D 270 18.26 -14.23 18.19
C ASN D 270 19.03 -15.47 17.77
N LEU D 271 19.21 -16.45 18.65
CA LEU D 271 19.83 -17.73 18.38
C LEU D 271 21.34 -17.64 18.13
N ILE D 272 21.95 -16.49 18.38
CA ILE D 272 23.39 -16.29 18.23
C ILE D 272 24.05 -16.21 19.59
N PHE D 273 23.49 -15.38 20.47
CA PHE D 273 24.09 -15.10 21.76
C PHE D 273 23.31 -15.83 22.85
N ASP D 274 23.93 -15.91 24.01
CA ASP D 274 23.41 -16.66 25.13
C ASP D 274 23.38 -15.73 26.33
N THR D 275 22.52 -16.06 27.27
CA THR D 275 22.58 -15.44 28.58
C THR D 275 23.39 -16.42 29.42
N TRP D 276 24.46 -15.91 30.03
CA TRP D 276 25.40 -16.77 30.80
C TRP D 276 25.01 -16.75 32.27
N TYR D 277 24.87 -17.93 32.87
CA TYR D 277 24.52 -18.09 34.27
C TYR D 277 25.71 -18.68 34.97
N LYS D 278 26.52 -17.78 35.53
CA LYS D 278 27.75 -18.18 36.21
C LYS D 278 27.47 -19.11 37.37
N THR D 279 26.30 -18.95 38.00
CA THR D 279 25.92 -19.79 39.13
C THR D 279 24.57 -20.47 38.94
N GLY D 280 24.23 -20.80 37.70
CA GLY D 280 23.05 -21.60 37.47
C GLY D 280 21.73 -20.95 37.83
N GLY D 281 21.69 -19.62 37.88
CA GLY D 281 20.48 -18.93 38.29
C GLY D 281 20.22 -18.99 39.78
N SER D 282 21.27 -19.15 40.58
CA SER D 282 21.13 -19.22 42.03
C SER D 282 20.59 -17.90 42.59
N VAL D 283 19.90 -18.00 43.73
CA VAL D 283 19.34 -16.86 44.42
C VAL D 283 19.77 -16.95 45.88
N MET D 284 19.85 -15.79 46.53
CA MET D 284 20.21 -15.73 47.94
C MET D 284 19.04 -16.01 48.85
N VAL D 285 19.24 -16.83 49.88
CA VAL D 285 18.18 -17.13 50.83
C VAL D 285 18.33 -16.24 52.08
#